data_2VJH
#
_entry.id   2VJH
#
_cell.length_a   155.829
_cell.length_b   155.829
_cell.length_c   155.829
_cell.angle_alpha   90.00
_cell.angle_beta   90.00
_cell.angle_gamma   90.00
#
_symmetry.space_group_name_H-M   'P 21 3'
#
loop_
_entity.id
_entity.type
_entity.pdbx_description
1 polymer 'PHYCOERYTHRIN ALPHA CHAIN'
2 polymer 'PHYCOERYTHRIN BETA SUBUNIT'
3 non-polymer PHYCOERYTHROBILIN
4 non-polymer PHYCOUROBILIN
5 water water
#
loop_
_entity_poly.entity_id
_entity_poly.type
_entity_poly.pdbx_seq_one_letter_code
_entity_poly.pdbx_strand_id
1 'polypeptide(L)'
;MKSVVTTVLAAADAAGRFPSGSDLESVQGNIQRSAARLEAAEKLAAGHAAVVKEAGDVVFKKYPYLKTAGEAGDSAEKVA
KCYRDIDHYMRLINYCLVVGGTGPLDEWGISGAREVYRALNLPTAAYVAAFQYTRDRACAPRDMGPQALTEFRSYLDYVI
NALS
;
A,C
2 'polypeptide(L)'
;MLDAFSKAVVSADQKTGYIGGAELAALKTYIANGNKRLDAVNAITSNASCIVSDAVSGMICENPGLISAGG(MEN)CYTN
RRMAACLRDGEIVLRYVTYALLAGDASVLEDRCLNGLKETYMALGVPIPSAIRAVSIMKASAVAFINNTASKRKIETPQG
DCAALASEAGSYFDMAASALR
;
B,D
#
# COMPACT_ATOMS: atom_id res chain seq x y z
N MET A 1 4.55 9.00 -9.06
CA MET A 1 5.82 8.81 -8.28
C MET A 1 5.60 7.90 -7.05
N LYS A 2 6.24 6.74 -7.04
CA LYS A 2 6.00 5.73 -6.00
C LYS A 2 6.32 6.17 -4.54
N SER A 3 5.29 6.08 -3.72
CA SER A 3 5.33 6.35 -2.29
C SER A 3 4.26 5.49 -1.64
N VAL A 4 4.14 5.59 -0.31
CA VAL A 4 3.12 4.83 0.42
C VAL A 4 1.73 5.13 -0.15
N VAL A 5 1.39 6.42 -0.23
CA VAL A 5 0.03 6.83 -0.62
C VAL A 5 -0.26 6.62 -2.10
N THR A 6 0.69 6.89 -2.99
CA THR A 6 0.42 6.74 -4.41
C THR A 6 0.26 5.27 -4.81
N THR A 7 0.95 4.38 -4.10
CA THR A 7 0.80 2.95 -4.35
C THR A 7 -0.60 2.46 -3.91
N VAL A 8 -1.07 2.86 -2.73
CA VAL A 8 -2.42 2.43 -2.31
C VAL A 8 -3.51 3.13 -3.15
N LEU A 9 -3.29 4.38 -3.54
CA LEU A 9 -4.25 5.06 -4.41
C LEU A 9 -4.31 4.46 -5.80
N ALA A 10 -3.16 4.06 -6.36
CA ALA A 10 -3.18 3.41 -7.69
C ALA A 10 -3.92 2.06 -7.65
N ALA A 11 -3.77 1.31 -6.56
CA ALA A 11 -4.48 0.04 -6.38
C ALA A 11 -5.98 0.27 -6.20
N ALA A 12 -6.35 1.27 -5.39
CA ALA A 12 -7.75 1.64 -5.23
C ALA A 12 -8.38 2.06 -6.56
N ASP A 13 -7.66 2.89 -7.30
CA ASP A 13 -8.17 3.37 -8.60
C ASP A 13 -8.38 2.24 -9.61
N ALA A 14 -7.44 1.31 -9.68
CA ALA A 14 -7.56 0.16 -10.56
C ALA A 14 -8.78 -0.69 -10.26
N ALA A 15 -9.18 -0.75 -9.00
CA ALA A 15 -10.35 -1.52 -8.57
C ALA A 15 -11.61 -0.67 -8.43
N GLY A 16 -11.53 0.62 -8.76
CA GLY A 16 -12.71 1.50 -8.71
C GLY A 16 -13.22 1.75 -7.29
N ARG A 17 -12.30 1.75 -6.32
CA ARG A 17 -12.66 1.77 -4.90
C ARG A 17 -12.35 3.10 -4.25
N PHE A 18 -13.16 3.47 -3.26
CA PHE A 18 -12.78 4.53 -2.33
C PHE A 18 -11.65 4.05 -1.42
N PRO A 19 -10.87 4.98 -0.86
CA PRO A 19 -9.91 4.56 0.15
C PRO A 19 -10.63 3.87 1.30
N SER A 20 -10.04 2.79 1.79
CA SER A 20 -10.64 1.96 2.82
C SER A 20 -9.58 1.74 3.90
N GLY A 21 -9.89 0.92 4.89
CA GLY A 21 -9.09 0.81 6.10
C GLY A 21 -7.62 0.53 5.91
N SER A 22 -7.31 -0.38 5.00
CA SER A 22 -5.91 -0.77 4.80
C SER A 22 -5.12 0.37 4.15
N ASP A 23 -5.82 1.18 3.35
CA ASP A 23 -5.21 2.36 2.74
C ASP A 23 -4.84 3.41 3.78
N LEU A 24 -5.76 3.70 4.69
CA LEU A 24 -5.48 4.70 5.74
C LEU A 24 -4.37 4.21 6.67
N GLU A 25 -4.46 2.94 7.03
CA GLU A 25 -3.49 2.28 7.88
C GLU A 25 -2.09 2.34 7.26
N SER A 26 -1.99 2.09 5.95
CA SER A 26 -0.73 2.27 5.22
C SER A 26 -0.16 3.68 5.41
N VAL A 27 -1.01 4.70 5.29
CA VAL A 27 -0.57 6.08 5.46
C VAL A 27 -0.13 6.36 6.91
N GLN A 28 -0.75 5.71 7.88
CA GLN A 28 -0.26 5.81 9.26
C GLN A 28 1.20 5.35 9.37
N GLY A 29 1.57 4.30 8.62
CA GLY A 29 2.94 3.79 8.65
C GLY A 29 3.91 4.82 8.15
N ASN A 30 3.46 5.51 7.12
CA ASN A 30 4.22 6.63 6.62
C ASN A 30 4.47 7.67 7.70
N ILE A 31 3.44 8.00 8.48
CA ILE A 31 3.59 8.93 9.63
C ILE A 31 4.63 8.44 10.66
N GLN A 32 4.56 7.17 11.05
CA GLN A 32 5.52 6.59 11.98
C GLN A 32 6.97 6.61 11.57
N ARG A 33 7.23 6.28 10.31
CA ARG A 33 8.58 6.16 9.79
C ARG A 33 9.19 7.49 9.37
N SER A 34 8.37 8.54 9.27
CA SER A 34 8.83 9.80 8.75
C SER A 34 9.98 10.44 9.55
N ALA A 35 9.99 10.33 10.87
CA ALA A 35 10.99 11.03 11.67
C ALA A 35 12.38 10.52 11.30
N ALA A 36 12.53 9.21 11.15
CA ALA A 36 13.82 8.60 10.83
C ALA A 36 14.30 9.02 9.44
N ARG A 37 13.44 8.96 8.45
CA ARG A 37 13.90 9.24 7.11
C ARG A 37 14.09 10.73 6.86
N LEU A 38 13.28 11.56 7.50
CA LEU A 38 13.44 13.01 7.37
C LEU A 38 14.67 13.51 8.14
N GLU A 39 15.03 12.82 9.22
CA GLU A 39 16.31 13.09 9.88
C GLU A 39 17.44 12.85 8.89
N ALA A 40 17.43 11.69 8.24
CA ALA A 40 18.42 11.33 7.23
C ALA A 40 18.47 12.36 6.06
N ALA A 41 17.30 12.75 5.54
CA ALA A 41 17.18 13.77 4.49
C ALA A 41 17.85 15.10 4.83
N GLU A 42 17.55 15.57 6.05
CA GLU A 42 18.06 16.78 6.62
C GLU A 42 19.59 16.74 6.78
N LYS A 43 20.12 15.64 7.30
CA LYS A 43 21.58 15.48 7.44
C LYS A 43 22.25 15.51 6.07
N LEU A 44 21.62 14.88 5.09
CA LEU A 44 22.18 14.82 3.74
C LEU A 44 22.12 16.19 3.07
N ALA A 45 20.99 16.89 3.23
CA ALA A 45 20.84 18.26 2.73
C ALA A 45 21.89 19.23 3.33
N ALA A 46 22.21 19.06 4.61
CA ALA A 46 23.22 19.90 5.29
C ALA A 46 24.64 19.49 4.95
N GLY A 47 24.87 18.22 4.61
CA GLY A 47 26.22 17.72 4.50
C GLY A 47 26.63 17.25 3.14
N HIS A 48 25.81 17.47 2.12
CA HIS A 48 26.05 16.85 0.81
C HIS A 48 27.39 17.21 0.18
N ALA A 49 27.87 18.44 0.35
CA ALA A 49 29.14 18.84 -0.27
C ALA A 49 30.29 17.89 0.06
N ALA A 50 30.49 17.65 1.36
CA ALA A 50 31.56 16.78 1.82
C ALA A 50 31.30 15.32 1.46
N VAL A 51 30.04 14.89 1.49
CA VAL A 51 29.68 13.53 1.09
C VAL A 51 30.01 13.29 -0.40
N VAL A 52 29.63 14.23 -1.24
CA VAL A 52 29.88 14.11 -2.69
C VAL A 52 31.38 14.14 -3.00
N LYS A 53 32.13 15.04 -2.37
CA LYS A 53 33.57 15.12 -2.59
C LYS A 53 34.30 13.84 -2.17
N GLU A 54 33.99 13.32 -0.98
CA GLU A 54 34.55 12.03 -0.57
C GLU A 54 34.25 10.90 -1.55
N ALA A 55 33.00 10.81 -2.00
CA ALA A 55 32.59 9.76 -2.92
C ALA A 55 33.34 9.83 -4.27
N GLY A 56 33.39 11.01 -4.86
CA GLY A 56 34.12 11.23 -6.09
C GLY A 56 35.59 10.94 -5.95
N ASP A 57 36.22 11.47 -4.88
CA ASP A 57 37.64 11.19 -4.61
C ASP A 57 37.89 9.67 -4.55
N VAL A 58 36.98 8.95 -3.92
CA VAL A 58 37.10 7.49 -3.78
C VAL A 58 37.01 6.76 -5.11
N VAL A 59 36.13 7.21 -5.99
CA VAL A 59 36.04 6.63 -7.32
C VAL A 59 37.40 6.60 -8.01
N PHE A 60 38.06 7.76 -8.05
CA PHE A 60 39.30 7.92 -8.80
C PHE A 60 40.52 7.38 -8.07
N LYS A 61 40.46 7.28 -6.74
CA LYS A 61 41.48 6.55 -5.96
C LYS A 61 41.35 5.05 -6.21
N LYS A 62 40.12 4.55 -6.33
CA LYS A 62 39.95 3.12 -6.52
C LYS A 62 40.28 2.73 -7.96
N TYR A 63 39.89 3.58 -8.91
CA TYR A 63 40.04 3.30 -10.34
C TYR A 63 40.80 4.38 -11.04
N PRO A 64 42.13 4.50 -10.77
CA PRO A 64 42.90 5.54 -11.45
C PRO A 64 42.99 5.33 -12.97
N TYR A 65 42.69 4.12 -13.47
CA TYR A 65 42.63 3.89 -14.92
C TYR A 65 41.64 4.82 -15.63
N LEU A 66 40.63 5.30 -14.90
CA LEU A 66 39.63 6.20 -15.48
C LEU A 66 40.22 7.50 -16.03
N LYS A 67 41.36 7.91 -15.49
CA LYS A 67 42.04 9.10 -15.95
C LYS A 67 42.91 8.92 -17.18
N THR A 68 43.04 7.69 -17.66
CA THR A 68 43.87 7.43 -18.83
C THR A 68 43.07 7.69 -20.11
N ALA A 69 43.81 8.06 -21.16
CA ALA A 69 43.26 8.41 -22.46
C ALA A 69 42.24 7.38 -22.94
N GLY A 70 41.06 7.88 -23.35
CA GLY A 70 39.98 7.07 -23.88
C GLY A 70 39.00 6.57 -22.81
N GLU A 71 39.24 6.91 -21.56
CA GLU A 71 38.36 6.50 -20.47
C GLU A 71 37.52 7.67 -19.94
N ALA A 72 36.60 7.34 -19.05
CA ALA A 72 35.55 8.24 -18.61
C ALA A 72 36.01 9.43 -17.78
N GLY A 73 37.23 9.40 -17.24
CA GLY A 73 37.74 10.54 -16.48
C GLY A 73 38.97 11.16 -17.09
N ASP A 74 39.08 11.10 -18.42
CA ASP A 74 40.31 11.51 -19.08
C ASP A 74 40.43 12.98 -19.40
N SER A 75 39.48 13.79 -18.95
CA SER A 75 39.65 15.24 -18.91
C SER A 75 39.10 15.75 -17.58
N ALA A 76 39.49 16.95 -17.22
CA ALA A 76 39.00 17.61 -16.02
C ALA A 76 37.48 17.79 -16.09
N GLU A 77 36.99 18.09 -17.28
CA GLU A 77 35.58 18.31 -17.48
C GLU A 77 34.74 17.01 -17.32
N LYS A 78 35.29 15.88 -17.74
CA LYS A 78 34.66 14.57 -17.54
C LYS A 78 34.74 14.10 -16.07
N VAL A 79 35.88 14.33 -15.42
CA VAL A 79 36.00 14.11 -13.97
C VAL A 79 34.93 14.90 -13.19
N ALA A 80 34.73 16.18 -13.54
CA ALA A 80 33.68 16.99 -12.93
C ALA A 80 32.28 16.43 -13.20
N LYS A 81 31.99 15.99 -14.42
CA LYS A 81 30.70 15.34 -14.69
C LYS A 81 30.46 14.11 -13.82
N CYS A 82 31.51 13.37 -13.50
CA CYS A 82 31.39 12.26 -12.59
C CYS A 82 30.95 12.70 -11.19
N TYR A 83 31.61 13.73 -10.65
CA TYR A 83 31.23 14.24 -9.33
C TYR A 83 29.80 14.80 -9.38
N ARG A 84 29.47 15.46 -10.49
CA ARG A 84 28.12 15.96 -10.74
C ARG A 84 27.07 14.84 -10.68
N ASP A 85 27.37 13.73 -11.34
CA ASP A 85 26.48 12.56 -11.32
C ASP A 85 26.26 12.04 -9.92
N ILE A 86 27.33 11.96 -9.14
CA ILE A 86 27.23 11.58 -7.75
C ILE A 86 26.32 12.55 -6.96
N ASP A 87 26.50 13.85 -7.20
CA ASP A 87 25.66 14.88 -6.61
C ASP A 87 24.17 14.67 -7.00
N HIS A 88 23.91 14.41 -8.28
CA HIS A 88 22.55 14.13 -8.78
C HIS A 88 21.92 12.97 -8.01
N TYR A 89 22.66 11.87 -7.90
CA TYR A 89 22.19 10.72 -7.13
C TYR A 89 21.97 10.96 -5.65
N MET A 90 22.84 11.76 -5.03
CA MET A 90 22.66 12.06 -3.63
C MET A 90 21.44 12.92 -3.42
N ARG A 91 21.16 13.80 -4.38
CA ARG A 91 19.97 14.64 -4.37
C ARG A 91 18.71 13.77 -4.53
N LEU A 92 18.76 12.81 -5.43
CA LEU A 92 17.67 11.86 -5.61
C LEU A 92 17.43 10.99 -4.38
N ILE A 93 18.51 10.64 -3.67
CA ILE A 93 18.40 9.95 -2.39
C ILE A 93 17.73 10.82 -1.32
N ASN A 94 18.12 12.08 -1.26
CA ASN A 94 17.41 13.06 -0.42
C ASN A 94 15.90 13.08 -0.73
N TYR A 95 15.56 13.07 -2.01
CA TYR A 95 14.15 13.07 -2.42
C TYR A 95 13.39 11.78 -2.04
N CYS A 96 14.05 10.63 -2.18
CA CYS A 96 13.45 9.36 -1.77
C CYS A 96 13.14 9.34 -0.28
N LEU A 97 14.08 9.85 0.51
CA LEU A 97 13.93 9.94 1.95
C LEU A 97 12.81 10.88 2.36
N VAL A 98 12.62 11.97 1.62
CA VAL A 98 11.51 12.89 1.84
C VAL A 98 10.15 12.27 1.44
N VAL A 99 10.11 11.60 0.30
CA VAL A 99 8.88 11.00 -0.22
C VAL A 99 8.53 9.69 0.53
N GLY A 100 9.57 9.00 0.99
CA GLY A 100 9.40 7.72 1.65
C GLY A 100 9.16 6.58 0.67
N GLY A 101 9.76 6.69 -0.52
CA GLY A 101 9.75 5.59 -1.47
C GLY A 101 10.75 5.86 -2.55
N THR A 102 10.89 4.91 -3.46
CA THR A 102 11.94 4.90 -4.46
C THR A 102 11.61 5.71 -5.73
N GLY A 103 10.43 6.29 -5.80
CA GLY A 103 9.99 7.00 -7.01
C GLY A 103 11.03 7.93 -7.67
N PRO A 104 11.57 8.91 -6.90
CA PRO A 104 12.57 9.85 -7.46
C PRO A 104 13.78 9.17 -8.09
N LEU A 105 14.30 8.14 -7.45
CA LEU A 105 15.40 7.39 -8.02
C LEU A 105 14.97 6.62 -9.25
N ASP A 106 13.82 5.92 -9.17
CA ASP A 106 13.36 5.08 -10.28
C ASP A 106 13.24 5.93 -11.53
N GLU A 107 12.53 7.04 -11.38
CA GLU A 107 12.16 7.84 -12.55
C GLU A 107 13.30 8.72 -13.09
N TRP A 108 14.05 9.35 -12.19
CA TRP A 108 15.01 10.37 -12.62
C TRP A 108 16.46 9.90 -12.62
N GLY A 109 16.75 8.78 -11.94
CA GLY A 109 18.10 8.27 -11.85
C GLY A 109 18.37 6.91 -12.48
N ILE A 110 17.45 5.98 -12.34
CA ILE A 110 17.70 4.58 -12.69
C ILE A 110 17.16 4.26 -14.08
N SER A 111 15.93 4.64 -14.37
CA SER A 111 15.38 4.40 -15.70
C SER A 111 16.28 4.99 -16.80
N GLY A 112 16.64 4.12 -17.77
CA GLY A 112 17.57 4.45 -18.85
C GLY A 112 19.05 4.52 -18.52
N ALA A 113 19.42 4.40 -17.24
CA ALA A 113 20.82 4.59 -16.83
C ALA A 113 21.76 3.61 -17.54
N ARG A 114 21.39 2.34 -17.57
CA ARG A 114 22.28 1.31 -18.12
C ARG A 114 22.55 1.55 -19.60
N GLU A 115 21.54 2.04 -20.30
CA GLU A 115 21.64 2.38 -21.70
C GLU A 115 22.58 3.57 -21.90
N VAL A 116 22.42 4.60 -21.07
CA VAL A 116 23.26 5.79 -21.17
C VAL A 116 24.73 5.45 -20.83
N TYR A 117 24.94 4.70 -19.76
CA TYR A 117 26.30 4.40 -19.31
C TYR A 117 27.04 3.47 -20.29
N ARG A 118 26.31 2.54 -20.88
CA ARG A 118 26.82 1.72 -21.96
C ARG A 118 27.24 2.57 -23.16
N ALA A 119 26.35 3.47 -23.61
CA ALA A 119 26.63 4.31 -24.76
C ALA A 119 27.85 5.23 -24.55
N LEU A 120 28.07 5.68 -23.32
CA LEU A 120 29.12 6.67 -23.01
C LEU A 120 30.36 6.09 -22.32
N ASN A 121 30.46 4.76 -22.27
CA ASN A 121 31.65 4.08 -21.73
C ASN A 121 31.85 4.46 -20.25
N LEU A 122 30.76 4.42 -19.49
CA LEU A 122 30.79 4.80 -18.08
C LEU A 122 30.61 3.51 -17.27
N PRO A 123 31.73 2.96 -16.74
CA PRO A 123 31.62 1.71 -15.99
C PRO A 123 30.77 1.81 -14.71
N THR A 124 29.82 0.89 -14.59
CA THR A 124 28.89 0.88 -13.46
C THR A 124 29.60 0.63 -12.12
N ALA A 125 30.73 -0.08 -12.13
CA ALA A 125 31.50 -0.32 -10.92
C ALA A 125 32.00 0.96 -10.28
N ALA A 126 32.30 1.98 -11.08
CA ALA A 126 32.68 3.29 -10.53
C ALA A 126 31.57 3.90 -9.67
N TYR A 127 30.34 3.86 -10.17
CA TYR A 127 29.21 4.37 -9.44
C TYR A 127 28.97 3.53 -8.17
N VAL A 128 29.08 2.20 -8.31
CA VAL A 128 28.89 1.30 -7.19
C VAL A 128 29.90 1.58 -6.05
N ALA A 129 31.15 1.85 -6.41
CA ALA A 129 32.19 2.15 -5.44
C ALA A 129 31.83 3.41 -4.66
N ALA A 130 31.33 4.43 -5.37
CA ALA A 130 30.90 5.69 -4.74
C ALA A 130 29.84 5.46 -3.66
N PHE A 131 28.82 4.68 -4.01
CA PHE A 131 27.70 4.40 -3.11
C PHE A 131 28.04 3.44 -1.99
N GLN A 132 28.85 2.43 -2.28
CA GLN A 132 29.29 1.49 -1.24
C GLN A 132 30.12 2.22 -0.20
N TYR A 133 31.01 3.09 -0.67
CA TYR A 133 31.82 3.89 0.24
C TYR A 133 30.95 4.79 1.10
N THR A 134 30.03 5.49 0.46
CA THR A 134 29.12 6.38 1.16
C THR A 134 28.29 5.65 2.24
N ARG A 135 27.78 4.47 1.89
CA ARG A 135 26.99 3.63 2.79
C ARG A 135 27.80 3.23 4.04
N ASP A 136 29.02 2.77 3.83
CA ASP A 136 29.83 2.22 4.90
C ASP A 136 30.57 3.27 5.71
N ARG A 137 30.80 4.45 5.12
CA ARG A 137 31.41 5.59 5.82
C ARG A 137 30.51 6.18 6.92
N ALA A 138 29.21 6.28 6.62
CA ALA A 138 28.22 6.81 7.57
C ALA A 138 28.11 5.96 8.85
N CYS A 139 27.88 6.61 9.98
CA CYS A 139 27.66 5.89 11.22
C CYS A 139 26.70 6.61 12.16
N ALA A 140 26.04 5.83 13.00
CA ALA A 140 25.23 6.34 14.11
C ALA A 140 25.99 6.06 15.40
N PRO A 141 25.81 6.91 16.41
CA PRO A 141 24.94 8.08 16.42
C PRO A 141 25.55 9.38 15.87
N ARG A 142 26.82 9.36 15.45
CA ARG A 142 27.52 10.58 15.10
C ARG A 142 26.84 11.38 14.00
N ASP A 143 26.49 10.72 12.90
CA ASP A 143 26.01 11.40 11.70
C ASP A 143 24.51 11.55 11.71
N MET A 144 23.83 10.57 12.31
CA MET A 144 22.38 10.54 12.44
C MET A 144 22.07 9.39 13.40
N GLY A 145 20.84 9.27 13.83
CA GLY A 145 20.46 8.14 14.68
C GLY A 145 20.42 6.83 13.88
N PRO A 146 20.33 5.69 14.58
CA PRO A 146 20.39 4.38 13.94
C PRO A 146 19.30 4.08 12.91
N GLN A 147 18.07 4.51 13.17
CA GLN A 147 16.98 4.28 12.21
C GLN A 147 17.09 5.19 11.00
N ALA A 148 17.56 6.42 11.20
CA ALA A 148 17.89 7.29 10.08
C ALA A 148 18.99 6.65 9.21
N LEU A 149 19.99 6.03 9.85
CA LEU A 149 21.05 5.32 9.14
C LEU A 149 20.53 4.16 8.32
N THR A 150 19.62 3.38 8.88
CA THR A 150 18.97 2.30 8.15
C THR A 150 18.28 2.84 6.89
N GLU A 151 17.59 3.97 7.01
CA GLU A 151 16.89 4.59 5.87
C GLU A 151 17.84 5.05 4.78
N PHE A 152 18.86 5.81 5.18
CA PHE A 152 19.94 6.29 4.30
C PHE A 152 20.60 5.13 3.55
N ARG A 153 21.02 4.12 4.29
CA ARG A 153 21.65 2.94 3.69
C ARG A 153 20.74 2.14 2.77
N SER A 154 19.45 2.09 3.08
CA SER A 154 18.49 1.37 2.22
C SER A 154 18.42 1.93 0.79
N TYR A 155 18.38 3.25 0.64
CA TYR A 155 18.38 3.85 -0.70
C TYR A 155 19.71 3.75 -1.44
N LEU A 156 20.81 3.82 -0.73
CA LEU A 156 22.11 3.52 -1.32
C LEU A 156 22.20 2.08 -1.83
N ASP A 157 21.80 1.12 -0.99
CA ASP A 157 21.72 -0.25 -1.43
C ASP A 157 20.77 -0.41 -2.64
N TYR A 158 19.66 0.32 -2.64
CA TYR A 158 18.71 0.24 -3.73
C TYR A 158 19.36 0.64 -5.06
N VAL A 159 20.13 1.73 -5.06
CA VAL A 159 20.80 2.15 -6.27
C VAL A 159 21.95 1.22 -6.63
N ILE A 160 22.68 0.73 -5.63
CA ILE A 160 23.72 -0.29 -5.87
C ILE A 160 23.14 -1.51 -6.56
N ASN A 161 22.01 -2.03 -6.08
CA ASN A 161 21.40 -3.19 -6.74
C ASN A 161 20.91 -2.88 -8.16
N ALA A 162 20.38 -1.68 -8.41
CA ALA A 162 19.95 -1.29 -9.77
C ALA A 162 21.11 -1.20 -10.76
N LEU A 163 22.33 -1.02 -10.27
CA LEU A 163 23.50 -0.90 -11.13
C LEU A 163 24.38 -2.13 -11.13
N SER A 164 23.96 -3.20 -10.45
CA SER A 164 24.80 -4.37 -10.35
C SER A 164 23.98 -5.66 -10.42
N MET B 1 0.99 9.90 -10.42
CA MET B 1 0.40 10.98 -9.57
C MET B 1 1.43 11.44 -8.55
N LEU B 2 1.21 12.64 -8.02
CA LEU B 2 2.02 13.23 -6.97
C LEU B 2 1.25 13.24 -5.65
N ASP B 3 1.99 13.31 -4.54
CA ASP B 3 1.41 13.58 -3.23
C ASP B 3 2.06 14.87 -2.70
N ALA B 4 1.70 15.30 -1.51
CA ALA B 4 2.25 16.53 -0.92
C ALA B 4 3.78 16.53 -0.90
N PHE B 5 4.38 15.36 -0.61
CA PHE B 5 5.85 15.24 -0.53
C PHE B 5 6.51 15.23 -1.89
N SER B 6 5.98 14.46 -2.85
CA SER B 6 6.59 14.44 -4.17
C SER B 6 6.40 15.77 -4.90
N LYS B 7 5.34 16.49 -4.59
CA LYS B 7 5.17 17.84 -5.10
C LYS B 7 6.32 18.75 -4.65
N ALA B 8 6.70 18.68 -3.37
CA ALA B 8 7.87 19.43 -2.89
C ALA B 8 9.16 18.98 -3.56
N VAL B 9 9.27 17.68 -3.85
CA VAL B 9 10.41 17.13 -4.56
C VAL B 9 10.52 17.67 -6.01
N VAL B 10 9.38 17.75 -6.70
CA VAL B 10 9.34 18.33 -8.06
C VAL B 10 9.83 19.79 -8.01
N SER B 11 9.35 20.60 -7.05
CA SER B 11 9.87 21.97 -6.88
C SER B 11 11.36 22.05 -6.60
N ALA B 12 11.86 21.20 -5.71
CA ALA B 12 13.29 21.22 -5.41
C ALA B 12 14.12 20.84 -6.64
N ASP B 13 13.61 19.87 -7.38
CA ASP B 13 14.29 19.39 -8.59
C ASP B 13 14.40 20.47 -9.68
N GLN B 14 13.36 21.28 -9.84
CA GLN B 14 13.39 22.46 -10.74
C GLN B 14 14.51 23.44 -10.38
N LYS B 15 14.97 23.41 -9.13
CA LYS B 15 16.07 24.26 -8.65
C LYS B 15 17.40 23.52 -8.44
N THR B 16 17.46 22.23 -8.80
CA THR B 16 18.63 21.39 -8.54
C THR B 16 19.03 21.48 -7.05
N GLY B 17 18.02 21.44 -6.17
CA GLY B 17 18.21 21.67 -4.76
C GLY B 17 17.87 20.47 -3.92
N TYR B 18 18.54 20.38 -2.79
CA TYR B 18 18.24 19.39 -1.76
C TYR B 18 17.12 19.94 -0.88
N ILE B 19 16.29 19.04 -0.34
CA ILE B 19 15.27 19.42 0.64
C ILE B 19 15.84 19.30 2.07
N GLY B 20 15.86 20.43 2.76
CA GLY B 20 16.48 20.52 4.10
C GLY B 20 15.66 21.41 5.00
N GLY B 21 16.19 21.65 6.20
CA GLY B 21 15.48 22.38 7.27
C GLY B 21 14.28 23.20 6.86
N ALA B 22 14.55 24.30 6.17
CA ALA B 22 13.50 25.25 5.73
C ALA B 22 12.27 24.61 5.11
N GLU B 23 12.49 23.79 4.10
CA GLU B 23 11.41 23.24 3.28
C GLU B 23 10.79 22.03 3.97
N LEU B 24 11.56 21.44 4.87
CA LEU B 24 11.20 20.20 5.52
C LEU B 24 10.19 20.48 6.63
N ALA B 25 10.20 21.72 7.14
CA ALA B 25 9.39 22.08 8.30
C ALA B 25 7.89 22.09 7.99
N ALA B 26 7.50 22.66 6.86
CA ALA B 26 6.10 22.61 6.42
C ALA B 26 5.56 21.18 6.24
N LEU B 27 6.44 20.28 5.77
CA LEU B 27 6.11 18.87 5.56
C LEU B 27 5.97 18.12 6.90
N LYS B 28 6.81 18.43 7.87
CA LYS B 28 6.64 17.88 9.24
C LYS B 28 5.29 18.26 9.86
N THR B 29 4.81 19.47 9.58
CA THR B 29 3.49 19.93 10.02
C THR B 29 2.37 19.17 9.34
N TYR B 30 2.55 18.92 8.05
CA TYR B 30 1.64 18.07 7.30
C TYR B 30 1.56 16.69 8.00
N ILE B 31 2.70 16.12 8.39
CA ILE B 31 2.73 14.82 9.06
C ILE B 31 2.03 14.87 10.42
N ALA B 32 2.27 15.96 11.16
CA ALA B 32 1.66 16.16 12.48
C ALA B 32 0.13 16.25 12.42
N ASN B 33 -0.39 16.73 11.29
CA ASN B 33 -1.83 16.80 11.04
C ASN B 33 -2.39 15.56 10.35
N GLY B 34 -1.57 14.51 10.25
CA GLY B 34 -1.89 13.32 9.50
C GLY B 34 -3.11 12.59 10.01
N ASN B 35 -3.22 12.44 11.32
CA ASN B 35 -4.38 11.73 11.88
C ASN B 35 -5.71 12.42 11.53
N LYS B 36 -5.71 13.75 11.59
CA LYS B 36 -6.88 14.52 11.20
C LYS B 36 -7.25 14.29 9.74
N ARG B 37 -6.25 14.28 8.86
CA ARG B 37 -6.44 14.03 7.43
C ARG B 37 -7.10 12.67 7.16
N LEU B 38 -6.64 11.66 7.87
CA LEU B 38 -7.23 10.33 7.86
C LEU B 38 -8.69 10.36 8.31
N ASP B 39 -8.99 11.09 9.36
CA ASP B 39 -10.39 11.26 9.80
C ASP B 39 -11.23 11.98 8.75
N ALA B 40 -10.65 13.00 8.10
CA ALA B 40 -11.36 13.75 7.06
C ALA B 40 -11.73 12.84 5.88
N VAL B 41 -10.79 12.00 5.46
CA VAL B 41 -11.06 11.04 4.41
C VAL B 41 -12.17 10.05 4.81
N ASN B 42 -12.05 9.45 6.00
CA ASN B 42 -13.06 8.53 6.56
C ASN B 42 -14.46 9.18 6.61
N ALA B 43 -14.52 10.48 6.87
CA ALA B 43 -15.80 11.21 6.94
C ALA B 43 -16.52 11.22 5.60
N ILE B 44 -15.77 11.34 4.50
CA ILE B 44 -16.36 11.32 3.18
C ILE B 44 -16.68 9.90 2.73
N THR B 45 -15.72 8.99 2.87
CA THR B 45 -15.93 7.63 2.39
C THR B 45 -17.08 6.93 3.12
N SER B 46 -17.19 7.18 4.42
CA SER B 46 -18.23 6.57 5.24
C SER B 46 -19.64 7.01 4.85
N ASN B 47 -19.73 8.11 4.11
CA ASN B 47 -20.98 8.71 3.68
C ASN B 47 -21.10 8.85 2.17
N ALA B 48 -20.32 8.09 1.41
CA ALA B 48 -20.18 8.28 -0.05
C ALA B 48 -21.53 8.16 -0.78
N SER B 49 -22.30 7.13 -0.45
CA SER B 49 -23.55 6.85 -1.13
C SER B 49 -24.59 7.98 -0.92
N CYS B 50 -24.68 8.45 0.32
CA CYS B 50 -25.50 9.59 0.72
C CYS B 50 -25.08 10.91 0.06
N ILE B 51 -23.78 11.19 0.01
CA ILE B 51 -23.27 12.42 -0.62
C ILE B 51 -23.72 12.47 -2.09
N VAL B 52 -23.51 11.37 -2.81
CA VAL B 52 -23.78 11.32 -4.24
C VAL B 52 -25.29 11.40 -4.54
N SER B 53 -26.08 10.57 -3.87
CA SER B 53 -27.51 10.51 -4.15
C SER B 53 -28.23 11.82 -3.78
N ASP B 54 -27.83 12.42 -2.68
CA ASP B 54 -28.37 13.72 -2.27
C ASP B 54 -28.02 14.86 -3.26
N ALA B 55 -26.81 14.81 -3.81
CA ALA B 55 -26.35 15.85 -4.71
C ALA B 55 -27.06 15.73 -6.07
N VAL B 56 -27.15 14.52 -6.61
CA VAL B 56 -27.83 14.32 -7.89
C VAL B 56 -29.33 14.63 -7.76
N SER B 57 -29.95 14.13 -6.69
CA SER B 57 -31.35 14.47 -6.40
C SER B 57 -31.60 15.96 -6.20
N GLY B 58 -30.66 16.66 -5.57
CA GLY B 58 -30.76 18.10 -5.39
C GLY B 58 -30.62 18.88 -6.68
N MET B 59 -29.64 18.48 -7.50
CA MET B 59 -29.50 19.02 -8.82
C MET B 59 -30.83 18.92 -9.59
N ILE B 60 -31.48 17.76 -9.48
CA ILE B 60 -32.74 17.51 -10.17
C ILE B 60 -33.92 18.28 -9.58
N CYS B 61 -34.06 18.33 -8.27
CA CYS B 61 -35.18 19.06 -7.69
C CYS B 61 -35.09 20.57 -7.94
N GLU B 62 -33.89 21.09 -8.12
CA GLU B 62 -33.71 22.49 -8.50
C GLU B 62 -33.86 22.73 -10.02
N ASN B 63 -33.79 21.67 -10.82
CA ASN B 63 -33.99 21.77 -12.27
C ASN B 63 -34.72 20.53 -12.79
N PRO B 64 -36.05 20.49 -12.58
CA PRO B 64 -36.87 19.37 -12.98
C PRO B 64 -36.85 19.06 -14.49
N GLY B 65 -36.43 20.00 -15.32
CA GLY B 65 -36.24 19.78 -16.75
C GLY B 65 -35.25 18.65 -17.07
N LEU B 66 -34.33 18.37 -16.16
CA LEU B 66 -33.40 17.25 -16.31
C LEU B 66 -34.05 15.88 -16.40
N ILE B 67 -35.23 15.73 -15.82
CA ILE B 67 -35.99 14.46 -15.84
C ILE B 67 -37.29 14.50 -16.66
N SER B 68 -37.48 15.60 -17.36
CA SER B 68 -38.49 15.73 -18.38
C SER B 68 -38.01 14.97 -19.65
N ALA B 69 -38.92 14.74 -20.59
CA ALA B 69 -38.62 14.16 -21.91
C ALA B 69 -37.38 14.78 -22.50
N GLY B 70 -36.41 13.99 -22.93
CA GLY B 70 -35.19 14.59 -23.48
C GLY B 70 -34.27 15.36 -22.48
N GLY B 71 -34.58 15.32 -21.17
CA GLY B 71 -33.63 15.86 -20.18
C GLY B 71 -32.48 14.86 -20.05
N CYS B 73 -31.08 13.53 -17.49
CA CYS B 73 -31.25 12.48 -16.49
C CYS B 73 -32.52 11.63 -16.72
N TYR B 74 -33.14 11.82 -17.87
CA TYR B 74 -34.34 11.10 -18.24
C TYR B 74 -33.97 9.67 -18.69
N THR B 75 -34.78 8.70 -18.25
CA THR B 75 -34.53 7.23 -18.36
C THR B 75 -33.62 6.77 -17.23
N ASN B 76 -33.87 5.55 -16.73
CA ASN B 76 -32.98 4.98 -15.71
C ASN B 76 -31.52 4.89 -16.15
N ARG B 77 -31.28 4.64 -17.43
CA ARG B 77 -29.92 4.54 -17.94
C ARG B 77 -29.12 5.81 -17.72
N ARG B 78 -29.70 6.97 -18.05
CA ARG B 78 -29.01 8.25 -17.83
C ARG B 78 -28.89 8.60 -16.37
N MET B 79 -29.97 8.40 -15.62
CA MET B 79 -29.92 8.67 -14.18
C MET B 79 -28.79 7.84 -13.55
N ALA B 80 -28.67 6.57 -13.92
CA ALA B 80 -27.61 5.70 -13.39
C ALA B 80 -26.21 6.18 -13.78
N ALA B 81 -26.05 6.66 -15.01
CA ALA B 81 -24.79 7.22 -15.49
C ALA B 81 -24.38 8.46 -14.71
N CYS B 82 -25.34 9.32 -14.41
CA CYS B 82 -25.07 10.52 -13.67
C CYS B 82 -24.67 10.23 -12.22
N LEU B 83 -25.42 9.33 -11.56
CA LEU B 83 -25.05 8.86 -10.23
C LEU B 83 -23.63 8.28 -10.22
N ARG B 84 -23.29 7.54 -11.26
CA ARG B 84 -21.98 6.96 -11.41
C ARG B 84 -20.90 8.03 -11.50
N ASP B 85 -21.13 9.03 -12.35
CA ASP B 85 -20.21 10.16 -12.47
C ASP B 85 -20.05 10.94 -11.18
N GLY B 86 -21.15 11.15 -10.46
CA GLY B 86 -21.08 11.79 -9.14
C GLY B 86 -20.13 11.04 -8.22
N GLU B 87 -20.24 9.71 -8.23
CA GLU B 87 -19.39 8.86 -7.40
C GLU B 87 -17.93 8.89 -7.85
N ILE B 88 -17.69 8.90 -9.16
CA ILE B 88 -16.34 8.97 -9.71
C ILE B 88 -15.63 10.25 -9.25
N VAL B 89 -16.30 11.39 -9.39
CA VAL B 89 -15.72 12.64 -8.99
C VAL B 89 -15.43 12.64 -7.49
N LEU B 90 -16.37 12.17 -6.67
CA LEU B 90 -16.18 12.11 -5.24
C LEU B 90 -15.01 11.20 -4.85
N ARG B 91 -14.92 10.06 -5.51
CA ARG B 91 -13.83 9.13 -5.31
C ARG B 91 -12.46 9.78 -5.59
N TYR B 92 -12.31 10.44 -6.73
CA TYR B 92 -11.07 11.18 -7.02
C TYR B 92 -10.80 12.36 -6.06
N VAL B 93 -11.84 13.01 -5.57
CA VAL B 93 -11.66 14.03 -4.55
C VAL B 93 -11.10 13.42 -3.27
N THR B 94 -11.59 12.25 -2.87
CA THR B 94 -11.04 11.59 -1.67
C THR B 94 -9.60 11.13 -1.86
N TYR B 95 -9.26 10.67 -3.07
CA TYR B 95 -7.87 10.38 -3.43
C TYR B 95 -6.99 11.61 -3.22
N ALA B 96 -7.44 12.76 -3.71
CA ALA B 96 -6.67 13.99 -3.61
C ALA B 96 -6.45 14.37 -2.15
N LEU B 97 -7.51 14.22 -1.34
CA LEU B 97 -7.45 14.56 0.06
C LEU B 97 -6.53 13.64 0.84
N LEU B 98 -6.53 12.35 0.52
CA LEU B 98 -5.60 11.40 1.13
C LEU B 98 -4.13 11.69 0.72
N ALA B 99 -3.92 12.03 -0.55
CA ALA B 99 -2.56 12.30 -1.05
C ALA B 99 -2.06 13.67 -0.63
N GLY B 100 -2.97 14.59 -0.29
CA GLY B 100 -2.63 15.98 -0.05
C GLY B 100 -2.26 16.76 -1.30
N ASP B 101 -2.71 16.28 -2.46
CA ASP B 101 -2.41 16.91 -3.74
C ASP B 101 -3.46 16.61 -4.80
N ALA B 102 -3.74 17.59 -5.65
CA ALA B 102 -4.79 17.55 -6.67
C ALA B 102 -4.43 16.77 -7.94
N SER B 103 -3.18 16.35 -8.11
CA SER B 103 -2.76 15.77 -9.38
C SER B 103 -3.54 14.51 -9.79
N VAL B 104 -3.84 13.62 -8.86
CA VAL B 104 -4.59 12.41 -9.21
C VAL B 104 -5.99 12.78 -9.77
N LEU B 105 -6.62 13.75 -9.13
CA LEU B 105 -7.90 14.28 -9.57
C LEU B 105 -7.81 14.95 -10.96
N GLU B 106 -6.83 15.83 -11.16
CA GLU B 106 -6.67 16.51 -12.46
C GLU B 106 -6.32 15.55 -13.60
N ASP B 107 -5.34 14.68 -13.35
CA ASP B 107 -4.82 13.80 -14.37
C ASP B 107 -5.77 12.68 -14.75
N ARG B 108 -6.42 12.06 -13.76
CA ARG B 108 -7.17 10.83 -14.01
C ARG B 108 -8.67 11.06 -14.12
N CYS B 109 -9.15 12.24 -13.74
CA CYS B 109 -10.58 12.52 -13.76
C CYS B 109 -10.94 13.80 -14.56
N LEU B 110 -10.38 14.93 -14.20
CA LEU B 110 -10.81 16.21 -14.75
C LEU B 110 -10.28 16.49 -16.17
N ASN B 111 -9.09 15.99 -16.51
CA ASN B 111 -8.53 16.16 -17.86
C ASN B 111 -9.43 15.52 -18.90
N GLY B 112 -9.94 16.32 -19.83
CA GLY B 112 -10.83 15.83 -20.87
C GLY B 112 -12.30 15.77 -20.54
N LEU B 113 -12.68 16.01 -19.29
CA LEU B 113 -14.07 15.82 -18.85
C LEU B 113 -15.02 16.84 -19.49
N LYS B 114 -14.62 18.11 -19.56
CA LYS B 114 -15.42 19.15 -20.22
C LYS B 114 -15.71 18.78 -21.69
N GLU B 115 -14.68 18.35 -22.40
CA GLU B 115 -14.82 17.90 -23.78
C GLU B 115 -15.74 16.68 -23.89
N THR B 116 -15.61 15.76 -22.94
CA THR B 116 -16.50 14.58 -22.93
C THR B 116 -17.94 15.01 -22.78
N TYR B 117 -18.20 15.83 -21.77
CA TYR B 117 -19.54 16.30 -21.52
C TYR B 117 -20.12 17.13 -22.68
N MET B 118 -19.30 17.95 -23.33
CA MET B 118 -19.79 18.73 -24.47
C MET B 118 -20.18 17.83 -25.66
N ALA B 119 -19.36 16.83 -25.93
CA ALA B 119 -19.65 15.84 -26.96
C ALA B 119 -20.92 15.02 -26.68
N LEU B 120 -21.16 14.66 -25.41
CA LEU B 120 -22.35 13.88 -25.04
C LEU B 120 -23.63 14.71 -24.93
N GLY B 121 -23.50 16.01 -24.71
CA GLY B 121 -24.66 16.84 -24.39
C GLY B 121 -25.00 16.85 -22.90
N VAL B 122 -24.06 16.49 -22.04
CA VAL B 122 -24.29 16.53 -20.60
C VAL B 122 -24.26 18.00 -20.17
N PRO B 123 -25.36 18.50 -19.54
CA PRO B 123 -25.42 19.93 -19.23
C PRO B 123 -24.48 20.32 -18.08
N ILE B 124 -23.49 21.14 -18.42
CA ILE B 124 -22.40 21.49 -17.54
C ILE B 124 -22.83 22.30 -16.31
N PRO B 125 -23.72 23.32 -16.48
CA PRO B 125 -24.20 24.01 -15.30
C PRO B 125 -24.84 23.10 -14.27
N SER B 126 -25.57 22.08 -14.72
CA SER B 126 -26.17 21.13 -13.83
C SER B 126 -25.13 20.25 -13.12
N ALA B 127 -24.14 19.77 -13.86
CA ALA B 127 -23.00 19.03 -13.28
C ALA B 127 -22.27 19.86 -12.22
N ILE B 128 -22.04 21.13 -12.52
CA ILE B 128 -21.37 22.02 -11.58
C ILE B 128 -22.22 22.16 -10.31
N ARG B 129 -23.55 22.19 -10.44
CA ARG B 129 -24.40 22.22 -9.25
C ARG B 129 -24.29 20.91 -8.45
N ALA B 130 -24.30 19.75 -9.11
CA ALA B 130 -24.14 18.50 -8.40
C ALA B 130 -22.83 18.50 -7.58
N VAL B 131 -21.75 18.93 -8.19
CA VAL B 131 -20.46 19.06 -7.54
C VAL B 131 -20.52 20.01 -6.34
N SER B 132 -21.20 21.14 -6.49
CA SER B 132 -21.38 22.09 -5.37
C SER B 132 -22.14 21.52 -4.20
N ILE B 133 -23.15 20.72 -4.46
CA ILE B 133 -23.90 20.11 -3.38
C ILE B 133 -23.03 19.07 -2.65
N MET B 134 -22.30 18.26 -3.40
CA MET B 134 -21.35 17.29 -2.82
C MET B 134 -20.31 18.01 -1.97
N LYS B 135 -19.89 19.21 -2.41
CA LYS B 135 -18.94 20.00 -1.65
C LYS B 135 -19.47 20.39 -0.26
N ALA B 136 -20.66 20.98 -0.23
CA ALA B 136 -21.38 21.32 1.01
C ALA B 136 -21.51 20.12 1.97
N SER B 137 -21.98 19.02 1.39
CA SER B 137 -22.15 17.72 2.02
C SER B 137 -20.83 17.20 2.67
N ALA B 138 -19.81 17.06 1.83
CA ALA B 138 -18.54 16.48 2.22
C ALA B 138 -17.89 17.35 3.30
N VAL B 139 -17.96 18.68 3.12
CA VAL B 139 -17.36 19.60 4.09
C VAL B 139 -18.08 19.52 5.46
N ALA B 140 -19.41 19.40 5.46
CA ALA B 140 -20.18 19.25 6.70
C ALA B 140 -19.80 17.99 7.47
N PHE B 141 -19.60 16.90 6.74
CA PHE B 141 -19.18 15.65 7.37
C PHE B 141 -17.76 15.76 7.93
N ILE B 142 -16.86 16.41 7.22
CA ILE B 142 -15.50 16.66 7.72
C ILE B 142 -15.55 17.50 9.01
N ASN B 143 -16.38 18.55 9.02
CA ASN B 143 -16.51 19.44 10.19
C ASN B 143 -17.45 18.91 11.27
N ASN B 144 -18.05 17.75 11.04
CA ASN B 144 -19.07 17.14 11.90
C ASN B 144 -20.28 18.05 12.16
N THR B 145 -20.73 18.76 11.12
CA THR B 145 -21.91 19.63 11.19
C THR B 145 -23.10 19.11 10.35
N ALA B 146 -23.01 17.87 9.84
CA ALA B 146 -24.12 17.30 9.08
C ALA B 146 -25.37 17.14 9.96
N SER B 147 -26.53 17.50 9.42
CA SER B 147 -27.78 17.58 10.20
C SER B 147 -28.31 16.24 10.72
N LYS B 148 -28.14 15.16 9.93
CA LYS B 148 -28.78 13.88 10.25
C LYS B 148 -27.81 12.77 10.65
N ARG B 149 -26.51 13.03 10.58
CA ARG B 149 -25.55 11.99 10.92
C ARG B 149 -24.26 12.59 11.45
N LYS B 150 -23.85 12.12 12.63
CA LYS B 150 -22.67 12.61 13.29
C LYS B 150 -21.54 11.57 13.26
N ILE B 151 -20.34 12.08 13.48
CA ILE B 151 -19.13 11.26 13.49
C ILE B 151 -18.35 11.64 14.73
N GLU B 152 -18.03 10.67 15.56
CA GLU B 152 -17.26 10.94 16.79
C GLU B 152 -15.76 10.85 16.52
N THR B 153 -15.08 11.98 16.74
CA THR B 153 -13.62 12.11 16.60
C THR B 153 -13.11 12.90 17.83
N PRO B 154 -11.79 12.86 18.10
CA PRO B 154 -11.28 13.68 19.19
C PRO B 154 -11.51 15.16 18.93
N GLN B 155 -11.74 15.93 19.99
CA GLN B 155 -12.15 17.34 19.84
C GLN B 155 -11.00 18.17 19.27
N GLY B 156 -11.33 19.05 18.33
CA GLY B 156 -10.33 19.88 17.68
C GLY B 156 -10.83 20.55 16.42
N ASP B 157 -9.90 21.00 15.60
CA ASP B 157 -10.18 21.91 14.50
C ASP B 157 -9.73 21.28 13.19
N CYS B 158 -10.66 21.14 12.24
CA CYS B 158 -10.37 20.60 10.92
C CYS B 158 -10.65 21.59 9.78
N ALA B 159 -10.58 22.90 10.08
CA ALA B 159 -10.97 23.96 9.12
C ALA B 159 -10.08 23.94 7.88
N ALA B 160 -8.78 23.77 8.07
CA ALA B 160 -7.86 23.72 6.94
C ALA B 160 -8.17 22.52 6.02
N LEU B 161 -8.41 21.35 6.62
CA LEU B 161 -8.78 20.14 5.86
C LEU B 161 -10.11 20.29 5.11
N ALA B 162 -11.10 20.91 5.75
CA ALA B 162 -12.38 21.21 5.11
C ALA B 162 -12.21 22.18 3.92
N SER B 163 -11.37 23.20 4.09
CA SER B 163 -11.04 24.14 3.00
C SER B 163 -10.29 23.47 1.85
N GLU B 164 -9.34 22.61 2.18
CA GLU B 164 -8.62 21.84 1.16
C GLU B 164 -9.56 20.94 0.37
N ALA B 165 -10.41 20.20 1.06
CA ALA B 165 -11.44 19.37 0.39
C ALA B 165 -12.32 20.23 -0.52
N GLY B 166 -12.81 21.34 0.02
CA GLY B 166 -13.62 22.30 -0.78
C GLY B 166 -12.93 22.73 -2.06
N SER B 167 -11.63 23.00 -1.97
CA SER B 167 -10.83 23.42 -3.12
C SER B 167 -10.78 22.33 -4.20
N TYR B 168 -10.77 21.07 -3.83
CA TYR B 168 -10.77 20.00 -4.83
C TYR B 168 -12.10 19.94 -5.57
N PHE B 169 -13.21 20.12 -4.85
CA PHE B 169 -14.50 20.25 -5.52
C PHE B 169 -14.52 21.49 -6.41
N ASP B 170 -13.96 22.60 -5.95
CA ASP B 170 -13.90 23.81 -6.79
C ASP B 170 -13.08 23.60 -8.06
N MET B 171 -12.02 22.81 -7.99
CA MET B 171 -11.23 22.49 -9.19
C MET B 171 -12.04 21.66 -10.20
N ALA B 172 -12.84 20.71 -9.70
CA ALA B 172 -13.79 19.98 -10.55
C ALA B 172 -14.72 20.96 -11.30
N ALA B 173 -15.30 21.91 -10.59
CA ALA B 173 -16.18 22.91 -11.21
C ALA B 173 -15.42 23.73 -12.25
N SER B 174 -14.22 24.21 -11.89
CA SER B 174 -13.38 25.04 -12.79
C SER B 174 -12.98 24.32 -14.06
N ALA B 175 -12.73 23.01 -13.97
CA ALA B 175 -12.33 22.22 -15.13
C ALA B 175 -13.49 22.07 -16.15
N LEU B 176 -14.72 22.29 -15.71
CA LEU B 176 -15.91 22.21 -16.58
C LEU B 176 -16.32 23.56 -17.18
N ARG B 177 -15.87 24.65 -16.59
CA ARG B 177 -16.21 26.00 -17.08
C ARG B 177 -15.44 26.41 -18.32
N MET C 1 -6.78 -11.79 -0.39
CA MET C 1 -7.58 -11.04 0.62
C MET C 1 -7.00 -9.68 0.84
N LYS C 2 -7.74 -8.62 0.53
CA LYS C 2 -7.26 -7.25 0.73
C LYS C 2 -6.87 -6.90 2.18
N SER C 3 -5.59 -6.58 2.36
CA SER C 3 -5.02 -6.07 3.62
C SER C 3 -3.87 -5.12 3.28
N VAL C 4 -3.25 -4.53 4.29
CA VAL C 4 -2.13 -3.63 4.06
C VAL C 4 -1.06 -4.36 3.21
N VAL C 5 -0.66 -5.54 3.65
CA VAL C 5 0.49 -6.19 3.06
C VAL C 5 0.16 -6.81 1.69
N THR C 6 -1.05 -7.34 1.51
CA THR C 6 -1.38 -7.97 0.22
C THR C 6 -1.55 -6.93 -0.89
N THR C 7 -2.02 -5.74 -0.55
CA THR C 7 -2.08 -4.66 -1.49
C THR C 7 -0.66 -4.20 -1.94
N VAL C 8 0.28 -3.98 -1.02
CA VAL C 8 1.62 -3.56 -1.45
C VAL C 8 2.34 -4.70 -2.19
N LEU C 9 2.12 -5.94 -1.78
CA LEU C 9 2.75 -7.07 -2.47
C LEU C 9 2.18 -7.32 -3.87
N ALA C 10 0.87 -7.18 -4.04
CA ALA C 10 0.27 -7.30 -5.38
C ALA C 10 0.81 -6.21 -6.31
N ALA C 11 0.98 -4.98 -5.81
CA ALA C 11 1.59 -3.88 -6.62
C ALA C 11 3.07 -4.14 -6.94
N ALA C 12 3.85 -4.63 -5.97
CA ALA C 12 5.27 -4.99 -6.24
C ALA C 12 5.34 -6.11 -7.25
N ASP C 13 4.48 -7.11 -7.09
CA ASP C 13 4.48 -8.25 -7.99
C ASP C 13 4.14 -7.83 -9.42
N ALA C 14 3.14 -6.97 -9.58
CA ALA C 14 2.76 -6.49 -10.93
C ALA C 14 3.89 -5.72 -11.61
N ALA C 15 4.76 -5.09 -10.80
CA ALA C 15 5.93 -4.37 -11.33
C ALA C 15 7.24 -5.20 -11.34
N GLY C 16 7.22 -6.47 -10.91
CA GLY C 16 8.45 -7.27 -10.81
C GLY C 16 9.51 -6.73 -9.83
N ARG C 17 9.05 -6.13 -8.73
CA ARG C 17 9.91 -5.45 -7.77
C ARG C 17 9.99 -6.21 -6.45
N PHE C 18 11.17 -6.17 -5.83
CA PHE C 18 11.31 -6.56 -4.43
C PHE C 18 10.53 -5.57 -3.56
N PRO C 19 10.14 -6.01 -2.35
CA PRO C 19 9.62 -5.00 -1.41
C PRO C 19 10.66 -3.91 -1.16
N SER C 20 10.18 -2.67 -1.17
CA SER C 20 11.04 -1.51 -0.97
C SER C 20 10.48 -0.68 0.18
N GLY C 21 11.11 0.47 0.41
CA GLY C 21 10.82 1.30 1.57
C GLY C 21 9.38 1.61 1.87
N SER C 22 8.64 2.05 0.85
CA SER C 22 7.22 2.38 1.03
C SER C 22 6.33 1.15 1.36
N ASP C 23 6.74 -0.04 0.94
CA ASP C 23 6.02 -1.28 1.28
C ASP C 23 6.21 -1.59 2.76
N LEU C 24 7.45 -1.52 3.22
CA LEU C 24 7.77 -1.73 4.64
C LEU C 24 7.10 -0.71 5.54
N GLU C 25 7.13 0.55 5.13
CA GLU C 25 6.45 1.64 5.84
C GLU C 25 4.97 1.40 5.96
N SER C 26 4.34 0.93 4.88
CA SER C 26 2.90 0.59 4.91
C SER C 26 2.61 -0.44 6.01
N VAL C 27 3.44 -1.48 6.07
CA VAL C 27 3.27 -2.55 7.05
C VAL C 27 3.47 -2.04 8.50
N GLN C 28 4.34 -1.05 8.71
CA GLN C 28 4.44 -0.38 10.00
C GLN C 28 3.11 0.24 10.45
N GLY C 29 2.34 0.74 9.49
CA GLY C 29 1.00 1.25 9.72
C GLY C 29 0.13 0.20 10.38
N ASN C 30 0.24 -1.04 9.88
CA ASN C 30 -0.35 -2.18 10.56
C ASN C 30 -0.10 -2.21 12.03
N ILE C 31 1.16 -2.08 12.38
CA ILE C 31 1.61 -2.21 13.74
C ILE C 31 1.06 -1.07 14.63
N GLN C 32 0.88 0.12 14.07
CA GLN C 32 0.34 1.25 14.83
C GLN C 32 -1.16 1.15 15.08
N ARG C 33 -1.91 0.74 14.06
CA ARG C 33 -3.37 0.75 14.11
C ARG C 33 -3.97 -0.57 14.66
N SER C 34 -3.17 -1.62 14.79
CA SER C 34 -3.64 -2.94 15.21
C SER C 34 -4.33 -2.93 16.58
N ALA C 35 -3.78 -2.22 17.56
CA ALA C 35 -4.37 -2.20 18.91
C ALA C 35 -5.85 -1.77 18.90
N ALA C 36 -6.16 -0.68 18.21
CA ALA C 36 -7.52 -0.17 18.11
C ALA C 36 -8.46 -1.20 17.46
N ARG C 37 -8.05 -1.77 16.34
CA ARG C 37 -8.96 -2.71 15.66
C ARG C 37 -9.06 -4.11 16.29
N LEU C 38 -7.97 -4.60 16.86
CA LEU C 38 -8.02 -5.87 17.61
C LEU C 38 -8.84 -5.74 18.91
N GLU C 39 -8.85 -4.55 19.50
CA GLU C 39 -9.75 -4.29 20.64
C GLU C 39 -11.21 -4.41 20.19
N ALA C 40 -11.53 -3.78 19.07
CA ALA C 40 -12.88 -3.88 18.49
C ALA C 40 -13.21 -5.35 18.15
N ALA C 41 -12.26 -6.07 17.55
CA ALA C 41 -12.44 -7.47 17.18
C ALA C 41 -12.78 -8.33 18.42
N GLU C 42 -12.02 -8.14 19.49
CA GLU C 42 -12.22 -8.89 20.75
C GLU C 42 -13.57 -8.57 21.40
N LYS C 43 -13.92 -7.29 21.48
CA LYS C 43 -15.21 -6.91 22.07
C LYS C 43 -16.37 -7.53 21.26
N LEU C 44 -16.24 -7.52 19.96
CA LEU C 44 -17.26 -8.10 19.09
C LEU C 44 -17.31 -9.62 19.24
N ALA C 45 -16.15 -10.28 19.35
CA ALA C 45 -16.11 -11.73 19.57
C ALA C 45 -16.85 -12.12 20.87
N ALA C 46 -16.63 -11.34 21.93
CA ALA C 46 -17.22 -11.58 23.23
C ALA C 46 -18.72 -11.26 23.22
N GLY C 47 -19.13 -10.23 22.49
CA GLY C 47 -20.52 -9.76 22.58
C GLY C 47 -21.42 -10.00 21.39
N HIS C 48 -20.97 -10.79 20.43
CA HIS C 48 -21.69 -10.90 19.15
C HIS C 48 -23.14 -11.40 19.27
N ALA C 49 -23.42 -12.38 20.14
CA ALA C 49 -24.77 -12.94 20.27
C ALA C 49 -25.81 -11.87 20.70
N ALA C 50 -25.45 -11.04 21.68
CA ALA C 50 -26.32 -9.97 22.16
C ALA C 50 -26.47 -8.84 21.12
N VAL C 51 -25.38 -8.55 20.42
CA VAL C 51 -25.41 -7.54 19.37
C VAL C 51 -26.33 -7.97 18.23
N VAL C 52 -26.18 -9.23 17.80
CA VAL C 52 -27.01 -9.82 16.74
C VAL C 52 -28.50 -9.86 17.11
N LYS C 53 -28.82 -10.25 18.35
CA LYS C 53 -30.22 -10.27 18.77
C LYS C 53 -30.84 -8.88 18.76
N GLU C 54 -30.12 -7.89 19.29
CA GLU C 54 -30.60 -6.50 19.24
C GLU C 54 -30.88 -6.03 17.82
N ALA C 55 -29.94 -6.31 16.91
CA ALA C 55 -30.05 -5.88 15.52
C ALA C 55 -31.22 -6.54 14.79
N GLY C 56 -31.38 -7.85 14.98
CA GLY C 56 -32.48 -8.56 14.35
C GLY C 56 -33.83 -8.13 14.90
N ASP C 57 -33.91 -7.93 16.23
CA ASP C 57 -35.13 -7.43 16.86
C ASP C 57 -35.50 -6.08 16.26
N VAL C 58 -34.50 -5.24 16.05
CA VAL C 58 -34.73 -3.91 15.46
C VAL C 58 -35.28 -4.00 14.01
N VAL C 59 -34.71 -4.91 13.21
CA VAL C 59 -35.20 -5.10 11.85
C VAL C 59 -36.72 -5.36 11.81
N PHE C 60 -37.18 -6.30 12.64
CA PHE C 60 -38.59 -6.72 12.60
C PHE C 60 -39.54 -5.77 13.33
N LYS C 61 -39.00 -5.02 14.29
CA LYS C 61 -39.71 -3.89 14.89
C LYS C 61 -39.87 -2.74 13.88
N LYS C 62 -38.84 -2.45 13.08
CA LYS C 62 -38.92 -1.38 12.09
C LYS C 62 -39.83 -1.74 10.90
N TYR C 63 -39.75 -2.99 10.46
CA TYR C 63 -40.39 -3.50 9.26
C TYR C 63 -41.24 -4.73 9.56
N PRO C 64 -42.31 -4.57 10.37
CA PRO C 64 -43.17 -5.72 10.67
C PRO C 64 -43.89 -6.32 9.45
N TYR C 65 -43.94 -5.58 8.33
CA TYR C 65 -44.49 -6.15 7.09
C TYR C 65 -43.69 -7.38 6.64
N LEU C 66 -42.44 -7.50 7.06
CA LEU C 66 -41.62 -8.70 6.74
C LEU C 66 -42.22 -10.02 7.26
N LYS C 67 -43.02 -9.95 8.32
CA LYS C 67 -43.63 -11.16 8.88
C LYS C 67 -44.93 -11.59 8.19
N THR C 68 -45.44 -10.76 7.27
CA THR C 68 -46.68 -11.08 6.58
C THR C 68 -46.44 -12.00 5.38
N ALA C 69 -47.51 -12.65 4.93
CA ALA C 69 -47.44 -13.72 3.92
C ALA C 69 -46.78 -13.24 2.61
N GLY C 70 -45.82 -14.02 2.11
CA GLY C 70 -45.11 -13.71 0.86
C GLY C 70 -43.86 -12.84 1.02
N GLU C 71 -43.49 -12.54 2.26
CA GLU C 71 -42.35 -11.66 2.55
C GLU C 71 -41.21 -12.45 3.24
N ALA C 72 -40.09 -11.79 3.45
CA ALA C 72 -38.84 -12.44 3.88
C ALA C 72 -38.83 -12.99 5.31
N GLY C 73 -39.76 -12.53 6.14
CA GLY C 73 -39.87 -13.04 7.50
C GLY C 73 -41.15 -13.80 7.80
N ASP C 74 -41.75 -14.44 6.78
CA ASP C 74 -43.10 -15.01 6.94
C ASP C 74 -43.15 -16.45 7.48
N SER C 75 -41.99 -16.99 7.85
CA SER C 75 -41.91 -18.24 8.64
C SER C 75 -40.84 -18.10 9.73
N ALA C 76 -40.96 -18.92 10.78
CA ALA C 76 -39.95 -18.96 11.87
C ALA C 76 -38.52 -19.28 11.36
N GLU C 77 -38.42 -20.22 10.43
CA GLU C 77 -37.15 -20.58 9.79
C GLU C 77 -36.52 -19.44 8.96
N LYS C 78 -37.37 -18.64 8.31
CA LYS C 78 -36.89 -17.47 7.54
C LYS C 78 -36.43 -16.31 8.45
N VAL C 79 -37.21 -16.03 9.51
CA VAL C 79 -36.78 -15.10 10.55
C VAL C 79 -35.42 -15.53 11.12
N ALA C 80 -35.27 -16.83 11.45
CA ALA C 80 -34.02 -17.32 11.99
C ALA C 80 -32.85 -17.13 11.03
N LYS C 81 -33.11 -17.24 9.73
CA LYS C 81 -32.06 -17.00 8.71
C LYS C 81 -31.63 -15.54 8.67
N CYS C 82 -32.57 -14.64 8.91
CA CYS C 82 -32.26 -13.22 9.00
C CYS C 82 -31.22 -12.93 10.10
N TYR C 83 -31.52 -13.41 11.32
CA TYR C 83 -30.61 -13.23 12.46
C TYR C 83 -29.27 -13.90 12.18
N ARG C 84 -29.32 -15.10 11.61
CA ARG C 84 -28.12 -15.76 11.13
C ARG C 84 -27.28 -14.88 10.17
N ASP C 85 -27.93 -14.22 9.20
CA ASP C 85 -27.20 -13.38 8.24
C ASP C 85 -26.53 -12.20 8.91
N ILE C 86 -27.22 -11.59 9.86
CA ILE C 86 -26.66 -10.51 10.65
C ILE C 86 -25.41 -10.99 11.41
N ASP C 87 -25.47 -12.19 11.94
CA ASP C 87 -24.33 -12.84 12.61
C ASP C 87 -23.17 -13.10 11.64
N HIS C 88 -23.49 -13.61 10.44
CA HIS C 88 -22.49 -13.79 9.38
C HIS C 88 -21.71 -12.49 9.11
N TYR C 89 -22.45 -11.39 8.91
CA TYR C 89 -21.83 -10.07 8.66
C TYR C 89 -20.99 -9.59 9.82
N MET C 90 -21.47 -9.74 11.05
CA MET C 90 -20.71 -9.31 12.21
C MET C 90 -19.44 -10.15 12.32
N ARG C 91 -19.53 -11.45 12.02
CA ARG C 91 -18.35 -12.32 12.00
C ARG C 91 -17.35 -11.86 10.92
N LEU C 92 -17.84 -11.48 9.75
CA LEU C 92 -16.98 -10.93 8.70
C LEU C 92 -16.34 -9.58 9.10
N ILE C 93 -17.08 -8.78 9.86
CA ILE C 93 -16.51 -7.55 10.42
C ILE C 93 -15.40 -7.87 11.44
N ASN C 94 -15.62 -8.86 12.30
CA ASN C 94 -14.56 -9.35 13.20
C ASN C 94 -13.32 -9.71 12.37
N TYR C 95 -13.52 -10.42 11.28
CA TYR C 95 -12.41 -10.81 10.40
C TYR C 95 -11.70 -9.60 9.74
N CYS C 96 -12.46 -8.62 9.24
CA CYS C 96 -11.88 -7.40 8.68
C CYS C 96 -11.04 -6.63 9.72
N LEU C 97 -11.57 -6.56 10.95
CA LEU C 97 -10.87 -5.92 12.04
C LEU C 97 -9.55 -6.64 12.40
N VAL C 98 -9.53 -7.97 12.28
CA VAL C 98 -8.31 -8.74 12.50
C VAL C 98 -7.28 -8.55 11.37
N VAL C 99 -7.75 -8.63 10.14
CA VAL C 99 -6.92 -8.52 8.94
C VAL C 99 -6.42 -7.08 8.70
N GLY C 100 -7.21 -6.08 9.08
CA GLY C 100 -6.88 -4.68 8.82
C GLY C 100 -7.27 -4.27 7.41
N GLY C 101 -8.30 -4.89 6.87
CA GLY C 101 -8.75 -4.58 5.52
C GLY C 101 -10.13 -5.14 5.26
N THR C 102 -10.70 -4.76 4.11
CA THR C 102 -12.05 -5.11 3.74
C THR C 102 -12.16 -6.49 3.10
N GLY C 103 -11.03 -7.17 2.87
CA GLY C 103 -11.04 -8.45 2.15
C GLY C 103 -12.12 -9.49 2.50
N PRO C 104 -12.23 -9.89 3.78
CA PRO C 104 -13.27 -10.85 4.20
C PRO C 104 -14.70 -10.42 3.88
N LEU C 105 -15.04 -9.16 4.12
CA LEU C 105 -16.35 -8.64 3.69
C LEU C 105 -16.50 -8.66 2.18
N ASP C 106 -15.50 -8.18 1.46
CA ASP C 106 -15.55 -8.11 -0.01
C ASP C 106 -15.84 -9.48 -0.61
N GLU C 107 -15.06 -10.47 -0.20
CA GLU C 107 -15.08 -11.77 -0.87
C GLU C 107 -16.23 -12.65 -0.38
N TRP C 108 -16.54 -12.59 0.91
CA TRP C 108 -17.42 -13.59 1.53
C TRP C 108 -18.81 -13.05 1.86
N GLY C 109 -18.97 -11.73 1.95
CA GLY C 109 -20.25 -11.08 2.23
C GLY C 109 -20.84 -10.20 1.15
N ILE C 110 -20.03 -9.41 0.44
CA ILE C 110 -20.56 -8.39 -0.50
C ILE C 110 -20.68 -8.91 -1.92
N SER C 111 -19.66 -9.59 -2.41
CA SER C 111 -19.68 -10.12 -3.77
C SER C 111 -20.87 -11.06 -3.95
N GLY C 112 -21.72 -10.76 -4.94
CA GLY C 112 -22.91 -11.52 -5.23
C GLY C 112 -24.15 -11.25 -4.39
N ALA C 113 -24.03 -10.41 -3.34
CA ALA C 113 -25.14 -10.17 -2.40
C ALA C 113 -26.38 -9.56 -3.06
N ARG C 114 -26.17 -8.55 -3.90
CA ARG C 114 -27.26 -7.90 -4.62
C ARG C 114 -28.07 -8.87 -5.51
N GLU C 115 -27.38 -9.80 -6.16
CA GLU C 115 -28.02 -10.82 -6.98
C GLU C 115 -28.82 -11.82 -6.13
N VAL C 116 -28.22 -12.26 -5.02
CA VAL C 116 -28.90 -13.18 -4.08
C VAL C 116 -30.17 -12.54 -3.46
N TYR C 117 -30.02 -11.32 -2.96
CA TYR C 117 -31.11 -10.64 -2.26
C TYR C 117 -32.27 -10.27 -3.19
N ARG C 118 -31.95 -9.90 -4.43
CA ARG C 118 -32.96 -9.73 -5.48
C ARG C 118 -33.69 -11.06 -5.76
N ALA C 119 -32.95 -12.15 -5.95
CA ALA C 119 -33.56 -13.47 -6.28
C ALA C 119 -34.49 -13.95 -5.18
N LEU C 120 -34.12 -13.66 -3.93
CA LEU C 120 -34.83 -14.15 -2.77
C LEU C 120 -35.76 -13.15 -2.09
N ASN C 121 -36.03 -12.00 -2.73
CA ASN C 121 -36.96 -11.00 -2.16
C ASN C 121 -36.54 -10.58 -0.72
N LEU C 122 -35.26 -10.29 -0.56
CA LEU C 122 -34.69 -9.84 0.70
C LEU C 122 -34.39 -8.34 0.57
N PRO C 123 -35.24 -7.47 1.17
CA PRO C 123 -35.04 -6.03 1.00
C PRO C 123 -33.74 -5.57 1.65
N THR C 124 -32.93 -4.86 0.90
CA THR C 124 -31.66 -4.36 1.40
C THR C 124 -31.82 -3.37 2.56
N ALA C 125 -32.91 -2.63 2.58
CA ALA C 125 -33.21 -1.70 3.68
C ALA C 125 -33.25 -2.40 5.04
N ALA C 126 -33.69 -3.65 5.05
CA ALA C 126 -33.73 -4.44 6.29
C ALA C 126 -32.31 -4.64 6.85
N TYR C 127 -31.38 -4.99 5.97
CA TYR C 127 -29.98 -5.14 6.34
C TYR C 127 -29.37 -3.80 6.76
N VAL C 128 -29.61 -2.74 6.00
CA VAL C 128 -29.12 -1.40 6.35
C VAL C 128 -29.59 -0.96 7.75
N ALA C 129 -30.87 -1.19 8.07
CA ALA C 129 -31.41 -0.90 9.40
C ALA C 129 -30.61 -1.60 10.49
N ALA C 130 -30.34 -2.90 10.32
CA ALA C 130 -29.54 -3.70 11.27
C ALA C 130 -28.14 -3.10 11.53
N PHE C 131 -27.48 -2.68 10.46
CA PHE C 131 -26.12 -2.12 10.58
C PHE C 131 -26.10 -0.69 11.08
N GLN C 132 -27.03 0.14 10.61
CA GLN C 132 -27.13 1.50 11.14
C GLN C 132 -27.42 1.49 12.64
N TYR C 133 -28.35 0.65 13.06
CA TYR C 133 -28.68 0.55 14.48
C TYR C 133 -27.45 0.14 15.30
N THR C 134 -26.76 -0.92 14.86
CA THR C 134 -25.57 -1.44 15.55
C THR C 134 -24.48 -0.36 15.66
N ARG C 135 -24.20 0.30 14.54
CA ARG C 135 -23.22 1.39 14.48
C ARG C 135 -23.51 2.47 15.53
N ASP C 136 -24.77 2.90 15.63
CA ASP C 136 -25.15 4.01 16.50
C ASP C 136 -25.48 3.60 17.94
N ARG C 137 -25.68 2.30 18.18
CA ARG C 137 -25.93 1.78 19.51
C ARG C 137 -24.64 1.73 20.36
N ALA C 138 -23.55 1.32 19.73
CA ALA C 138 -22.23 1.27 20.37
C ALA C 138 -21.76 2.65 20.84
N CYS C 139 -21.04 2.68 21.96
CA CYS C 139 -20.41 3.92 22.40
C CYS C 139 -19.15 3.67 23.20
N ALA C 140 -18.29 4.70 23.24
CA ALA C 140 -17.01 4.64 23.95
C ALA C 140 -17.08 5.63 25.12
N PRO C 141 -16.42 5.30 26.27
CA PRO C 141 -15.62 4.12 26.52
C PRO C 141 -16.40 2.88 26.99
N ARG C 142 -17.74 2.97 27.09
CA ARG C 142 -18.56 1.87 27.61
C ARG C 142 -18.27 0.53 26.96
N ASP C 143 -18.36 0.47 25.63
CA ASP C 143 -18.27 -0.79 24.91
C ASP C 143 -16.85 -1.11 24.42
N MET C 144 -16.07 -0.06 24.22
CA MET C 144 -14.70 -0.14 23.71
C MET C 144 -14.17 1.27 23.71
N GLY C 145 -12.87 1.41 23.48
CA GLY C 145 -12.27 2.74 23.41
C GLY C 145 -12.70 3.49 22.15
N PRO C 146 -12.45 4.82 22.10
CA PRO C 146 -12.81 5.69 20.97
C PRO C 146 -12.26 5.26 19.60
N GLN C 147 -11.00 4.85 19.54
CA GLN C 147 -10.41 4.44 18.27
C GLN C 147 -10.90 3.07 17.80
N ALA C 148 -11.09 2.14 18.75
CA ALA C 148 -11.74 0.86 18.48
C ALA C 148 -13.13 1.09 17.90
N LEU C 149 -13.87 2.04 18.48
CA LEU C 149 -15.19 2.39 17.97
C LEU C 149 -15.14 2.95 16.54
N THR C 150 -14.17 3.82 16.25
CA THR C 150 -13.95 4.30 14.88
C THR C 150 -13.75 3.15 13.87
N GLU C 151 -12.96 2.16 14.25
CA GLU C 151 -12.72 0.98 13.41
C GLU C 151 -13.99 0.16 13.19
N PHE C 152 -14.67 -0.16 14.29
CA PHE C 152 -15.94 -0.91 14.27
C PHE C 152 -16.94 -0.22 13.34
N ARG C 153 -17.12 1.09 13.52
CA ARG C 153 -18.09 1.84 12.73
C ARG C 153 -17.72 1.94 11.28
N SER C 154 -16.42 1.99 10.98
CA SER C 154 -15.96 2.09 9.59
C SER C 154 -16.38 0.90 8.74
N TYR C 155 -16.28 -0.31 9.28
CA TYR C 155 -16.69 -1.50 8.55
C TYR C 155 -18.20 -1.64 8.46
N LEU C 156 -18.92 -1.18 9.47
CA LEU C 156 -20.38 -1.12 9.40
C LEU C 156 -20.82 -0.15 8.32
N ASP C 157 -20.18 1.02 8.25
CA ASP C 157 -20.47 1.98 7.19
C ASP C 157 -20.07 1.40 5.82
N TYR C 158 -18.94 0.66 5.78
CA TYR C 158 -18.50 0.02 4.55
C TYR C 158 -19.59 -0.90 3.99
N VAL C 159 -20.17 -1.72 4.86
CA VAL C 159 -21.27 -2.61 4.45
C VAL C 159 -22.54 -1.84 4.04
N ILE C 160 -22.89 -0.83 4.83
CA ILE C 160 -24.06 0.01 4.52
C ILE C 160 -23.94 0.59 3.09
N ASN C 161 -22.77 1.13 2.78
CA ASN C 161 -22.53 1.72 1.47
C ASN C 161 -22.53 0.66 0.35
N ALA C 162 -22.08 -0.56 0.67
CA ALA C 162 -22.09 -1.67 -0.30
C ALA C 162 -23.52 -2.14 -0.60
N LEU C 163 -24.44 -1.96 0.34
CA LEU C 163 -25.85 -2.31 0.13
C LEU C 163 -26.71 -1.09 -0.27
N SER C 164 -26.08 0.06 -0.48
CA SER C 164 -26.76 1.30 -0.81
C SER C 164 -26.35 1.76 -2.21
N MET D 1 -3.74 -13.77 -2.57
CA MET D 1 -2.79 -14.31 -1.57
C MET D 1 -3.31 -14.05 -0.15
N LEU D 2 -2.76 -14.81 0.79
CA LEU D 2 -3.05 -14.66 2.20
C LEU D 2 -1.83 -14.06 2.89
N ASP D 3 -2.08 -13.46 4.05
CA ASP D 3 -1.01 -13.09 4.99
C ASP D 3 -1.25 -13.87 6.27
N ALA D 4 -0.43 -13.63 7.30
CA ALA D 4 -0.57 -14.34 8.57
C ALA D 4 -1.96 -14.19 9.22
N PHE D 5 -2.55 -13.01 9.10
CA PHE D 5 -3.84 -12.72 9.70
C PHE D 5 -4.99 -13.35 8.94
N SER D 6 -4.99 -13.21 7.62
CA SER D 6 -6.03 -13.82 6.81
C SER D 6 -5.94 -15.37 6.80
N LYS D 7 -4.74 -15.92 6.99
CA LYS D 7 -4.59 -17.36 7.21
C LYS D 7 -5.38 -17.80 8.47
N ALA D 8 -5.23 -17.05 9.56
CA ALA D 8 -6.04 -17.27 10.77
C ALA D 8 -7.53 -17.12 10.50
N VAL D 9 -7.90 -16.12 9.70
CA VAL D 9 -9.30 -15.89 9.36
C VAL D 9 -9.88 -17.08 8.61
N VAL D 10 -9.12 -17.64 7.67
CA VAL D 10 -9.59 -18.81 6.91
C VAL D 10 -9.85 -20.00 7.83
N SER D 11 -8.96 -20.26 8.79
CA SER D 11 -9.19 -21.33 9.78
C SER D 11 -10.40 -21.09 10.66
N ALA D 12 -10.56 -19.87 11.16
CA ALA D 12 -11.72 -19.52 11.97
C ALA D 12 -13.02 -19.68 11.15
N ASP D 13 -12.96 -19.31 9.88
CA ASP D 13 -14.15 -19.37 9.00
C ASP D 13 -14.62 -20.82 8.78
N GLN D 14 -13.67 -21.74 8.68
CA GLN D 14 -13.98 -23.18 8.54
C GLN D 14 -14.79 -23.69 9.72
N LYS D 15 -14.64 -23.03 10.86
CA LYS D 15 -15.38 -23.34 12.08
C LYS D 15 -16.54 -22.40 12.36
N THR D 16 -16.83 -21.48 11.45
CA THR D 16 -17.87 -20.43 11.65
C THR D 16 -17.62 -19.66 12.96
N GLY D 17 -16.36 -19.43 13.29
CA GLY D 17 -15.99 -18.83 14.56
C GLY D 17 -15.47 -17.42 14.45
N TYR D 18 -15.69 -16.66 15.52
CA TYR D 18 -15.09 -15.35 15.67
C TYR D 18 -13.67 -15.53 16.20
N ILE D 19 -12.84 -14.53 15.91
CA ILE D 19 -11.47 -14.48 16.43
C ILE D 19 -11.45 -13.59 17.68
N GLY D 20 -11.15 -14.20 18.82
CA GLY D 20 -10.90 -13.47 20.06
C GLY D 20 -9.82 -14.20 20.84
N GLY D 21 -9.70 -13.86 22.13
CA GLY D 21 -8.96 -14.67 23.11
C GLY D 21 -7.61 -15.24 22.68
N ALA D 22 -7.55 -16.56 22.52
CA ALA D 22 -6.29 -17.29 22.30
C ALA D 22 -5.76 -17.13 20.88
N GLU D 23 -6.70 -17.06 19.94
CA GLU D 23 -6.36 -16.83 18.54
C GLU D 23 -5.66 -15.48 18.42
N LEU D 24 -6.21 -14.47 19.11
CA LEU D 24 -5.68 -13.11 19.05
C LEU D 24 -4.31 -12.96 19.67
N ALA D 25 -4.03 -13.75 20.71
CA ALA D 25 -2.78 -13.64 21.46
C ALA D 25 -1.56 -13.91 20.60
N ALA D 26 -1.62 -14.99 19.81
CA ALA D 26 -0.56 -15.32 18.85
C ALA D 26 -0.37 -14.19 17.82
N LEU D 27 -1.49 -13.61 17.39
CA LEU D 27 -1.46 -12.54 16.38
C LEU D 27 -0.90 -11.24 16.96
N LYS D 28 -1.28 -10.90 18.19
CA LYS D 28 -0.68 -9.77 18.89
C LYS D 28 0.83 -9.92 19.06
N THR D 29 1.31 -11.15 19.29
CA THR D 29 2.75 -11.43 19.35
C THR D 29 3.43 -11.28 17.98
N TYR D 30 2.73 -11.69 16.93
CA TYR D 30 3.20 -11.46 15.56
C TYR D 30 3.44 -9.98 15.34
N ILE D 31 2.49 -9.14 15.77
CA ILE D 31 2.60 -7.69 15.60
C ILE D 31 3.78 -7.12 16.38
N ALA D 32 3.98 -7.62 17.60
CA ALA D 32 5.07 -7.21 18.49
C ALA D 32 6.46 -7.47 17.91
N ASN D 33 6.58 -8.52 17.10
CA ASN D 33 7.82 -8.85 16.40
C ASN D 33 7.93 -8.22 15.00
N GLY D 34 7.02 -7.30 14.69
CA GLY D 34 6.94 -6.72 13.34
C GLY D 34 8.15 -5.95 12.86
N ASN D 35 8.75 -5.17 13.75
CA ASN D 35 9.95 -4.42 13.41
C ASN D 35 11.11 -5.33 12.99
N LYS D 36 11.28 -6.44 13.69
CA LYS D 36 12.29 -7.44 13.34
C LYS D 36 12.05 -8.03 11.95
N ARG D 37 10.77 -8.32 11.65
CA ARG D 37 10.39 -8.86 10.35
C ARG D 37 10.74 -7.89 9.24
N LEU D 38 10.45 -6.60 9.44
CA LEU D 38 10.81 -5.57 8.46
C LEU D 38 12.33 -5.54 8.20
N ASP D 39 13.13 -5.66 9.27
CA ASP D 39 14.57 -5.73 9.16
C ASP D 39 15.03 -6.99 8.44
N ALA D 40 14.37 -8.10 8.71
CA ALA D 40 14.66 -9.37 8.01
C ALA D 40 14.48 -9.25 6.49
N VAL D 41 13.32 -8.71 6.09
CA VAL D 41 13.07 -8.42 4.68
C VAL D 41 14.12 -7.46 4.10
N ASN D 42 14.41 -6.36 4.80
CA ASN D 42 15.41 -5.39 4.38
C ASN D 42 16.78 -6.07 4.17
N ALA D 43 17.09 -7.03 5.04
CA ALA D 43 18.35 -7.78 4.97
C ALA D 43 18.56 -8.47 3.61
N ILE D 44 17.48 -9.08 3.10
CA ILE D 44 17.53 -9.81 1.84
C ILE D 44 17.46 -8.86 0.62
N THR D 45 16.51 -7.94 0.64
CA THR D 45 16.31 -7.05 -0.51
C THR D 45 17.57 -6.19 -0.74
N SER D 46 18.20 -5.76 0.35
CA SER D 46 19.40 -4.95 0.28
C SER D 46 20.58 -5.65 -0.35
N ASN D 47 20.51 -6.98 -0.37
CA ASN D 47 21.57 -7.83 -0.91
C ASN D 47 21.16 -8.73 -2.07
N ALA D 48 20.06 -8.36 -2.72
CA ALA D 48 19.39 -9.23 -3.67
C ALA D 48 20.31 -9.66 -4.81
N SER D 49 20.99 -8.70 -5.40
CA SER D 49 21.80 -8.97 -6.56
C SER D 49 22.97 -9.88 -6.19
N CYS D 50 23.54 -9.67 -5.00
CA CYS D 50 24.61 -10.51 -4.45
C CYS D 50 24.16 -11.97 -4.16
N ILE D 51 22.96 -12.13 -3.59
CA ILE D 51 22.46 -13.47 -3.24
C ILE D 51 22.31 -14.32 -4.52
N VAL D 52 21.72 -13.73 -5.55
CA VAL D 52 21.41 -14.43 -6.78
C VAL D 52 22.68 -14.79 -7.58
N SER D 53 23.56 -13.83 -7.80
CA SER D 53 24.75 -14.10 -8.61
C SER D 53 25.70 -15.11 -7.95
N ASP D 54 25.88 -14.99 -6.64
CA ASP D 54 26.66 -15.94 -5.85
C ASP D 54 26.07 -17.37 -5.87
N ALA D 55 24.74 -17.49 -5.81
CA ALA D 55 24.09 -18.80 -5.79
C ALA D 55 24.21 -19.50 -7.15
N VAL D 56 23.93 -18.76 -8.22
CA VAL D 56 24.05 -19.32 -9.56
C VAL D 56 25.51 -19.63 -9.93
N SER D 57 26.42 -18.70 -9.65
CA SER D 57 27.85 -18.97 -9.82
C SER D 57 28.34 -20.15 -8.97
N GLY D 58 27.80 -20.29 -7.78
CA GLY D 58 28.13 -21.40 -6.87
C GLY D 58 27.65 -22.73 -7.40
N MET D 59 26.41 -22.75 -7.89
CA MET D 59 25.86 -23.94 -8.54
C MET D 59 26.79 -24.39 -9.67
N ILE D 60 27.27 -23.41 -10.44
CA ILE D 60 28.11 -23.65 -11.58
C ILE D 60 29.53 -24.09 -11.19
N CYS D 61 30.14 -23.43 -10.22
CA CYS D 61 31.50 -23.82 -9.86
C CYS D 61 31.55 -25.22 -9.27
N GLU D 62 30.46 -25.66 -8.64
CA GLU D 62 30.35 -27.03 -8.12
C GLU D 62 29.96 -28.04 -9.20
N ASN D 63 29.37 -27.58 -10.31
CA ASN D 63 29.03 -28.45 -11.44
C ASN D 63 29.33 -27.77 -12.78
N PRO D 64 30.62 -27.70 -13.16
CA PRO D 64 30.99 -26.96 -14.37
C PRO D 64 30.45 -27.56 -15.69
N GLY D 65 29.91 -28.78 -15.64
CA GLY D 65 29.16 -29.37 -16.76
C GLY D 65 28.02 -28.48 -17.26
N LEU D 66 27.46 -27.68 -16.36
CA LEU D 66 26.38 -26.77 -16.67
C LEU D 66 26.73 -25.73 -17.72
N ILE D 67 28.04 -25.42 -17.86
CA ILE D 67 28.49 -24.42 -18.82
C ILE D 67 29.26 -25.00 -20.01
N SER D 68 29.37 -26.32 -20.08
CA SER D 68 29.86 -26.98 -21.28
C SER D 68 28.76 -26.95 -22.33
N ALA D 69 29.12 -27.19 -23.60
CA ALA D 69 28.13 -27.16 -24.69
C ALA D 69 27.04 -28.18 -24.35
N GLY D 70 25.78 -27.87 -24.58
CA GLY D 70 24.76 -28.82 -24.06
C GLY D 70 24.56 -28.89 -22.52
N GLY D 71 25.19 -28.01 -21.76
CA GLY D 71 24.82 -27.78 -20.37
C GLY D 71 23.71 -26.74 -20.37
N CYS D 73 23.24 -24.03 -18.66
CA CYS D 73 23.64 -22.63 -18.51
C CYS D 73 24.58 -22.17 -19.61
N TYR D 74 24.73 -23.00 -20.65
CA TYR D 74 25.52 -22.70 -21.83
C TYR D 74 24.84 -21.63 -22.72
N THR D 75 25.65 -20.68 -23.19
CA THR D 75 25.22 -19.46 -23.89
C THR D 75 24.75 -18.40 -22.86
N ASN D 76 24.95 -17.14 -23.23
CA ASN D 76 24.54 -16.04 -22.37
C ASN D 76 23.03 -16.02 -22.13
N ARG D 77 22.25 -16.46 -23.12
CA ARG D 77 20.78 -16.47 -23.04
C ARG D 77 20.30 -17.40 -21.92
N ARG D 78 20.89 -18.59 -21.85
CA ARG D 78 20.55 -19.52 -20.78
C ARG D 78 21.04 -19.03 -19.42
N MET D 79 22.26 -18.53 -19.35
CA MET D 79 22.76 -18.01 -18.10
C MET D 79 21.88 -16.86 -17.59
N ALA D 80 21.48 -15.96 -18.49
CA ALA D 80 20.57 -14.85 -18.16
C ALA D 80 19.21 -15.36 -17.65
N ALA D 81 18.64 -16.36 -18.31
CA ALA D 81 17.38 -16.97 -17.88
C ALA D 81 17.50 -17.60 -16.49
N CYS D 82 18.63 -18.26 -16.22
CA CYS D 82 18.84 -18.87 -14.93
C CYS D 82 19.00 -17.83 -13.81
N LEU D 83 19.82 -16.81 -14.04
CA LEU D 83 19.92 -15.68 -13.11
C LEU D 83 18.55 -15.01 -12.85
N ARG D 84 17.76 -14.83 -13.91
CA ARG D 84 16.40 -14.30 -13.79
C ARG D 84 15.52 -15.15 -12.86
N ASP D 85 15.55 -16.47 -13.04
CA ASP D 85 14.78 -17.38 -12.20
C ASP D 85 15.24 -17.34 -10.76
N GLY D 86 16.55 -17.31 -10.53
CA GLY D 86 17.08 -17.10 -9.20
C GLY D 86 16.46 -15.87 -8.54
N GLU D 87 16.48 -14.74 -9.26
CA GLU D 87 15.89 -13.50 -8.77
C GLU D 87 14.39 -13.63 -8.51
N ILE D 88 13.67 -14.28 -9.42
CA ILE D 88 12.23 -14.48 -9.26
C ILE D 88 11.92 -15.24 -7.97
N VAL D 89 12.61 -16.37 -7.77
CA VAL D 89 12.38 -17.17 -6.58
C VAL D 89 12.68 -16.37 -5.32
N LEU D 90 13.80 -15.66 -5.31
CA LEU D 90 14.18 -14.84 -4.15
C LEU D 90 13.14 -13.75 -3.87
N ARG D 91 12.59 -13.19 -4.94
CA ARG D 91 11.60 -12.14 -4.81
C ARG D 91 10.34 -12.68 -4.12
N TYR D 92 9.87 -13.84 -4.55
CA TYR D 92 8.68 -14.42 -3.96
C TYR D 92 8.91 -14.88 -2.53
N VAL D 93 10.12 -15.34 -2.22
CA VAL D 93 10.49 -15.65 -0.83
C VAL D 93 10.40 -14.37 0.04
N THR D 94 10.88 -13.22 -0.46
CA THR D 94 10.78 -11.97 0.33
C THR D 94 9.32 -11.50 0.51
N TYR D 95 8.48 -11.77 -0.50
CA TYR D 95 7.06 -11.51 -0.39
C TYR D 95 6.46 -12.36 0.73
N ALA D 96 6.76 -13.66 0.73
CA ALA D 96 6.28 -14.58 1.76
C ALA D 96 6.73 -14.16 3.16
N LEU D 97 7.97 -13.67 3.28
CA LEU D 97 8.48 -13.24 4.57
C LEU D 97 7.78 -11.95 5.03
N LEU D 98 7.51 -11.04 4.09
CA LEU D 98 6.81 -9.81 4.47
C LEU D 98 5.36 -10.11 4.92
N ALA D 99 4.72 -11.02 4.21
CA ALA D 99 3.33 -11.40 4.49
C ALA D 99 3.19 -12.34 5.69
N GLY D 100 4.28 -12.99 6.07
CA GLY D 100 4.25 -14.04 7.08
C GLY D 100 3.46 -15.28 6.65
N ASP D 101 3.40 -15.54 5.35
CA ASP D 101 2.66 -16.71 4.84
C ASP D 101 3.17 -17.09 3.43
N ALA D 102 3.26 -18.41 3.18
CA ALA D 102 3.83 -18.96 1.95
C ALA D 102 2.92 -18.90 0.72
N SER D 103 1.63 -18.57 0.89
CA SER D 103 0.66 -18.62 -0.23
C SER D 103 1.07 -17.85 -1.50
N VAL D 104 1.60 -16.64 -1.34
CA VAL D 104 2.04 -15.86 -2.51
C VAL D 104 3.10 -16.64 -3.30
N LEU D 105 4.03 -17.27 -2.56
CA LEU D 105 5.12 -18.04 -3.14
C LEU D 105 4.60 -19.31 -3.81
N GLU D 106 3.75 -20.05 -3.11
CA GLU D 106 3.15 -21.27 -3.68
C GLU D 106 2.30 -20.98 -4.93
N ASP D 107 1.37 -20.02 -4.81
CA ASP D 107 0.39 -19.74 -5.85
C ASP D 107 1.01 -19.08 -7.11
N ARG D 108 1.91 -18.13 -6.92
CA ARG D 108 2.41 -17.28 -8.01
C ARG D 108 3.77 -17.70 -8.59
N CYS D 109 4.47 -18.60 -7.92
CA CYS D 109 5.81 -18.97 -8.33
C CYS D 109 5.99 -20.49 -8.44
N LEU D 110 5.73 -21.20 -7.34
CA LEU D 110 6.07 -22.62 -7.23
C LEU D 110 5.10 -23.58 -7.93
N ASN D 111 3.84 -23.18 -8.04
CA ASN D 111 2.82 -23.99 -8.70
C ASN D 111 3.10 -24.06 -10.21
N GLY D 112 3.36 -25.27 -10.69
CA GLY D 112 3.68 -25.48 -12.10
C GLY D 112 5.16 -25.43 -12.45
N LEU D 113 6.02 -24.98 -11.53
CA LEU D 113 7.45 -24.79 -11.83
C LEU D 113 8.20 -26.11 -12.14
N LYS D 114 7.92 -27.18 -11.39
CA LYS D 114 8.55 -28.47 -11.66
C LYS D 114 8.27 -28.94 -13.09
N GLU D 115 7.01 -28.82 -13.50
CA GLU D 115 6.55 -29.21 -14.84
C GLU D 115 7.17 -28.33 -15.93
N THR D 116 7.31 -27.04 -15.64
CA THR D 116 7.99 -26.13 -16.56
C THR D 116 9.45 -26.56 -16.77
N TYR D 117 10.14 -26.82 -15.67
CA TYR D 117 11.54 -27.22 -15.68
C TYR D 117 11.73 -28.58 -16.34
N MET D 118 10.83 -29.52 -16.05
CA MET D 118 10.83 -30.81 -16.75
C MET D 118 10.61 -30.68 -18.26
N ALA D 119 9.64 -29.86 -18.66
CA ALA D 119 9.39 -29.64 -20.10
C ALA D 119 10.58 -28.97 -20.82
N LEU D 120 11.28 -28.05 -20.16
CA LEU D 120 12.41 -27.33 -20.77
C LEU D 120 13.76 -28.10 -20.73
N GLY D 121 13.86 -29.12 -19.87
CA GLY D 121 15.14 -29.79 -19.63
C GLY D 121 16.02 -29.05 -18.63
N VAL D 122 15.44 -28.21 -17.78
CA VAL D 122 16.17 -27.53 -16.72
C VAL D 122 16.51 -28.56 -15.61
N PRO D 123 17.82 -28.73 -15.29
CA PRO D 123 18.23 -29.79 -14.34
C PRO D 123 17.83 -29.44 -12.91
N ILE D 124 16.86 -30.18 -12.38
CA ILE D 124 16.25 -29.87 -11.09
C ILE D 124 17.22 -29.98 -9.91
N PRO D 125 18.07 -31.03 -9.87
CA PRO D 125 19.10 -31.06 -8.82
C PRO D 125 19.99 -29.80 -8.79
N SER D 126 20.35 -29.26 -9.95
CA SER D 126 21.12 -28.02 -10.02
C SER D 126 20.32 -26.82 -9.50
N ALA D 127 19.06 -26.73 -9.92
CA ALA D 127 18.16 -25.67 -9.42
C ALA D 127 17.99 -25.72 -7.90
N ILE D 128 17.86 -26.92 -7.35
CA ILE D 128 17.76 -27.11 -5.90
C ILE D 128 19.02 -26.61 -5.17
N ARG D 129 20.20 -26.85 -5.75
CA ARG D 129 21.43 -26.34 -5.18
C ARG D 129 21.48 -24.80 -5.18
N ALA D 130 21.07 -24.19 -6.28
CA ALA D 130 21.05 -22.74 -6.37
C ALA D 130 20.14 -22.15 -5.28
N VAL D 131 18.98 -22.76 -5.07
CA VAL D 131 18.05 -22.40 -3.98
C VAL D 131 18.68 -22.56 -2.59
N SER D 132 19.40 -23.65 -2.38
CA SER D 132 20.13 -23.90 -1.12
C SER D 132 21.21 -22.89 -0.84
N ILE D 133 21.92 -22.44 -1.87
CA ILE D 133 22.95 -21.43 -1.66
C ILE D 133 22.28 -20.09 -1.28
N MET D 134 21.21 -19.71 -1.99
CA MET D 134 20.46 -18.48 -1.65
C MET D 134 19.92 -18.55 -0.24
N LYS D 135 19.45 -19.73 0.18
CA LYS D 135 19.01 -19.92 1.55
C LYS D 135 20.11 -19.58 2.57
N ALA D 136 21.29 -20.18 2.42
CA ALA D 136 22.44 -19.96 3.30
C ALA D 136 22.77 -18.46 3.37
N SER D 137 22.87 -17.87 2.19
CA SER D 137 23.11 -16.45 2.00
C SER D 137 22.08 -15.52 2.70
N ALA D 138 20.80 -15.73 2.38
CA ALA D 138 19.72 -14.88 2.92
C ALA D 138 19.67 -15.02 4.45
N VAL D 139 19.77 -16.25 4.94
CA VAL D 139 19.73 -16.50 6.39
C VAL D 139 20.90 -15.80 7.09
N ALA D 140 22.09 -15.87 6.50
CA ALA D 140 23.26 -15.20 7.06
C ALA D 140 23.02 -13.69 7.18
N PHE D 141 22.45 -13.07 6.14
CA PHE D 141 22.17 -11.63 6.19
C PHE D 141 21.14 -11.27 7.26
N ILE D 142 20.10 -12.11 7.39
CA ILE D 142 19.09 -11.91 8.44
C ILE D 142 19.72 -11.95 9.84
N ASN D 143 20.59 -12.94 10.05
CA ASN D 143 21.27 -13.12 11.35
C ASN D 143 22.47 -12.20 11.53
N ASN D 144 22.82 -11.43 10.47
CA ASN D 144 24.02 -10.58 10.49
C ASN D 144 25.34 -11.35 10.68
N THR D 145 25.44 -12.53 10.06
CA THR D 145 26.65 -13.34 10.09
C THR D 145 27.35 -13.42 8.72
N ALA D 146 26.92 -12.64 7.73
CA ALA D 146 27.56 -12.68 6.40
C ALA D 146 29.03 -12.23 6.48
N SER D 147 29.93 -12.98 5.84
CA SER D 147 31.38 -12.76 5.96
C SER D 147 31.88 -11.42 5.43
N LYS D 148 31.30 -10.90 4.34
CA LYS D 148 31.84 -9.70 3.68
C LYS D 148 30.97 -8.45 3.85
N ARG D 149 29.78 -8.56 4.42
CA ARG D 149 28.90 -7.40 4.55
C ARG D 149 27.98 -7.53 5.77
N LYS D 150 28.04 -6.54 6.64
CA LYS D 150 27.23 -6.47 7.86
C LYS D 150 26.07 -5.48 7.71
N ILE D 151 25.07 -5.66 8.57
CA ILE D 151 23.89 -4.80 8.62
C ILE D 151 23.66 -4.41 10.08
N GLU D 152 23.52 -3.11 10.34
CA GLU D 152 23.28 -2.63 11.70
C GLU D 152 21.81 -2.54 12.05
N THR D 153 21.45 -3.32 13.06
CA THR D 153 20.09 -3.37 13.60
C THR D 153 20.21 -3.33 15.14
N PRO D 154 19.12 -2.99 15.84
CA PRO D 154 19.17 -3.07 17.32
C PRO D 154 19.48 -4.50 17.78
N GLN D 155 20.29 -4.66 18.81
CA GLN D 155 20.65 -6.00 19.29
C GLN D 155 19.43 -6.80 19.73
N GLY D 156 19.48 -8.09 19.43
CA GLY D 156 18.42 -9.03 19.76
C GLY D 156 18.53 -10.27 18.92
N ASP D 157 17.47 -11.06 18.90
CA ASP D 157 17.51 -12.39 18.32
C ASP D 157 16.48 -12.53 17.20
N CYS D 158 16.94 -12.98 16.03
CA CYS D 158 16.07 -13.15 14.87
C CYS D 158 16.02 -14.62 14.38
N ALA D 159 16.33 -15.55 15.28
CA ALA D 159 16.34 -17.00 14.99
C ALA D 159 15.03 -17.50 14.37
N ALA D 160 13.90 -17.12 14.95
CA ALA D 160 12.59 -17.53 14.41
C ALA D 160 12.37 -17.00 12.98
N LEU D 161 12.72 -15.74 12.75
CA LEU D 161 12.60 -15.16 11.39
C LEU D 161 13.54 -15.84 10.39
N ALA D 162 14.76 -16.15 10.83
CA ALA D 162 15.73 -16.85 9.98
C ALA D 162 15.25 -18.27 9.61
N SER D 163 14.70 -19.01 10.57
CA SER D 163 14.09 -20.31 10.29
C SER D 163 12.90 -20.22 9.34
N GLU D 164 12.06 -19.22 9.55
CA GLU D 164 10.90 -19.00 8.69
C GLU D 164 11.35 -18.70 7.27
N ALA D 165 12.29 -17.78 7.10
CA ALA D 165 12.85 -17.49 5.78
C ALA D 165 13.41 -18.80 5.18
N GLY D 166 14.15 -19.56 5.98
CA GLY D 166 14.70 -20.84 5.52
C GLY D 166 13.64 -21.80 5.06
N SER D 167 12.51 -21.83 5.76
CA SER D 167 11.38 -22.71 5.44
C SER D 167 10.80 -22.41 4.06
N TYR D 168 10.81 -21.14 3.67
CA TYR D 168 10.33 -20.73 2.34
C TYR D 168 11.25 -21.18 1.21
N PHE D 169 12.56 -21.10 1.44
CA PHE D 169 13.52 -21.64 0.47
C PHE D 169 13.33 -23.16 0.39
N ASP D 170 13.11 -23.79 1.54
CA ASP D 170 12.87 -25.24 1.58
C ASP D 170 11.61 -25.63 0.82
N MET D 171 10.57 -24.80 0.88
CA MET D 171 9.34 -25.07 0.09
C MET D 171 9.61 -25.04 -1.41
N ALA D 172 10.50 -24.14 -1.82
CA ALA D 172 10.85 -24.04 -3.24
C ALA D 172 11.51 -25.34 -3.70
N ALA D 173 12.48 -25.81 -2.91
CA ALA D 173 13.17 -27.06 -3.22
C ALA D 173 12.19 -28.24 -3.23
N SER D 174 11.31 -28.31 -2.23
CA SER D 174 10.28 -29.39 -2.15
C SER D 174 9.34 -29.39 -3.34
N ALA D 175 8.98 -28.20 -3.81
CA ALA D 175 8.15 -28.03 -4.99
C ALA D 175 8.78 -28.61 -6.26
N LEU D 176 10.10 -28.69 -6.32
CA LEU D 176 10.82 -29.21 -7.50
C LEU D 176 11.07 -30.71 -7.45
N ARG D 177 11.11 -31.28 -6.25
CA ARG D 177 11.24 -32.74 -6.07
C ARG D 177 10.00 -33.49 -6.52
#